data_7V93
#
_entry.id   7V93
#
_cell.length_a   1.00
_cell.length_b   1.00
_cell.length_c   1.00
_cell.angle_alpha   90.00
_cell.angle_beta   90.00
_cell.angle_gamma   90.00
#
_symmetry.space_group_name_H-M   'P 1'
#
loop_
_entity.id
_entity.type
_entity.pdbx_description
1 polymer cas12c2
2 polymer sgRNA
#
loop_
_entity_poly.entity_id
_entity_poly.type
_entity_poly.pdbx_seq_one_letter_code
_entity_poly.pdbx_strand_id
1 'polypeptide(L)'
;MKIEEGKGHHHHHHMTKHSIPLHAFRNSGADARKWKGRIALLAKRGKETMRTLQFPLEMSEPEAAAINTTPFAVAYNAIE
GTGKGTLFDYWAKLHLAGFRFFPSGGAATIFRQQAVFEDASWNAAFCQQSGKDWPWLVPSKLYERFTKAPREVAKKDGSK
KSIEFTQENVANESHVSLVGASITDKTPEDQKEFFLKMAGALAEKFDSWKSANEDRIVAMKVIDEFLKSEGLHLPSLENI
AVKCSVETKPDNATVAWHDAPMSGVQNLAIGVFATCASRIDNIYDLNGGKLSKLIQESATTPNVTALSWLFGKGLEYFRT
TDIDTIMQDFNIPASAKESIKPLVESAQAIPTMTVLGKKNYAPFRPNFGGKIDSWIANYASRLMLLNDILEQIEPGFELP
QALLDNETLMSGIDMTGDELKELIEAVYAWVDAAKQGLATLLGRGGNVDDAVQTFEQFSAMMDTLNGTLNTISARYVRAV
EMAGKDEARLEKLIECKFDIPKWCKSVPKLVGISGGLPKVEEEIKVMNAAFKDVRARMFVRFEEIAAYVASKGAGMDVYD
ALEKRELEQIKKLKSAVPERAHIQAYRAVLHRIGRAVQNCSEKTKQLFSSKVIEMGVFKNPSHLNNFIFNQKGAIYRSPF
DRSRHAPYQLHADKLLKNDWLELLAEISATLMASESTEQMEDALRLERTRLQLQLSGLPDWEYPASLAKPDIEVEIQTAL
KMQLAKDTVTSDVLQRAFNLYSSVLSGLTFKLLRRSFSLKMRFSVADTTQLIYVPKVCDWAIPKQYLQAEGEIGIAARVV
TESSPAKMVTEVEMKEPKALGHFMQQAPHDWYFDASLGGTQVAGRIVEKGKEVGKERKLVGYRMRGNSAYKTVLDKSLVG
NTELSQCSMIIEIPYTQTVDADFRAQVQAGLPKVSINLPVKETITASNKDEQMLFDRFVAIDLGERGLGYAVFDAKTLEL
QESGHRPIKAITNLLNRTHHYEQRPNQRQKFQAKFNVNLSELRENTVGDVCHQINRICAYYNAFPVLEYMVPDRLDKQLK
SVYESVTNRYIWSSTDAHKSARVQFWLGGETWEHPYLKSAKDKKPLVLSPGRGASGKGTSQTCSCCGRNPFDLIKDMKPR
AKIAVVDGKAKLENSELKLFERNLESKDDMLARRHRNERAGMEQPLTPGNYTVDEIKALLRANLRRAPKNRRTKDTTVSE
YHCVFSDCGKTMHADENAAVNIGGKFIADIEK
;
A
2 'polyribonucleotide'
;GGAUACCACCCGUGCAUUUCUGGAUCAAUGAUCCGUACCUCAAUGUCCGGGCGCGCAGCUAGAGCGACCUGAAGAAAUUC
AGGUUGGGUUUGAGGGGAAAUUAGGUGCGCUU
;
B
#
loop_
_chem_comp.id
_chem_comp.type
_chem_comp.name
_chem_comp.formula
A RNA linking ADENOSINE-5'-MONOPHOSPHATE 'C10 H14 N5 O7 P'
C RNA linking CYTIDINE-5'-MONOPHOSPHATE 'C9 H14 N3 O8 P'
G RNA linking GUANOSINE-5'-MONOPHOSPHATE 'C10 H14 N5 O8 P'
U RNA linking URIDINE-5'-MONOPHOSPHATE 'C9 H13 N2 O9 P'
#
# COMPACT_ATOMS: atom_id res chain seq x y z
N SER A 19 -0.58 8.83 -43.53
CA SER A 19 -0.88 8.26 -42.19
C SER A 19 0.21 8.67 -41.19
N ILE A 20 -0.20 9.08 -39.98
CA ILE A 20 0.74 9.50 -38.90
C ILE A 20 1.65 8.31 -38.59
N PRO A 21 2.99 8.49 -38.41
CA PRO A 21 3.85 7.42 -37.90
C PRO A 21 3.55 7.27 -36.40
N LEU A 22 4.00 6.19 -35.75
CA LEU A 22 3.58 5.95 -34.33
C LEU A 22 3.99 7.16 -33.48
N HIS A 23 5.11 7.82 -33.80
CA HIS A 23 5.61 8.97 -32.99
C HIS A 23 4.57 10.09 -32.97
N ALA A 24 3.83 10.32 -34.06
CA ALA A 24 2.82 11.39 -34.13
C ALA A 24 1.43 10.90 -33.69
N PHE A 25 1.25 9.58 -33.60
CA PHE A 25 -0.05 8.96 -33.24
C PHE A 25 -0.38 9.29 -31.77
N ARG A 26 -1.65 9.54 -31.49
CA ARG A 26 -2.09 10.08 -30.18
C ARG A 26 -3.16 9.18 -29.58
N ASN A 27 -2.78 8.00 -29.07
CA ASN A 27 -3.77 7.23 -28.28
C ASN A 27 -3.70 7.75 -26.85
N SER A 28 -4.17 8.96 -26.58
CA SER A 28 -3.98 9.57 -25.22
C SER A 28 -5.29 10.11 -24.65
N GLY A 29 -5.33 10.40 -23.39
CA GLY A 29 -6.44 11.09 -22.74
C GLY A 29 -7.76 10.40 -22.97
N ALA A 30 -8.80 11.19 -23.25
CA ALA A 30 -10.15 10.70 -23.50
C ALA A 30 -10.17 9.76 -24.71
N ASP A 31 -9.39 10.02 -25.76
CA ASP A 31 -9.30 9.08 -26.90
C ASP A 31 -8.82 7.69 -26.44
N ALA A 32 -7.79 7.60 -25.63
CA ALA A 32 -7.38 6.29 -25.08
C ALA A 32 -8.47 5.74 -24.14
N ARG A 33 -9.16 6.55 -23.36
CA ARG A 33 -10.22 5.95 -22.50
C ARG A 33 -11.28 5.33 -23.43
N LYS A 34 -11.59 5.99 -24.55
CA LYS A 34 -12.60 5.50 -25.53
C LYS A 34 -12.09 4.23 -26.20
N TRP A 35 -10.82 4.16 -26.53
CA TRP A 35 -10.23 2.92 -27.11
C TRP A 35 -10.36 1.78 -26.12
N LYS A 36 -10.03 2.05 -24.86
CA LYS A 36 -10.09 0.99 -23.82
C LYS A 36 -11.54 0.53 -23.73
N GLY A 37 -12.49 1.46 -23.75
CA GLY A 37 -13.92 1.15 -23.63
C GLY A 37 -14.44 0.29 -24.78
N ARG A 38 -14.07 0.61 -26.01
CA ARG A 38 -14.45 -0.23 -27.16
C ARG A 38 -13.83 -1.63 -27.02
N ILE A 39 -12.58 -1.70 -26.57
CA ILE A 39 -11.91 -3.01 -26.39
C ILE A 39 -12.70 -3.79 -25.34
N ALA A 40 -13.19 -3.13 -24.30
CA ALA A 40 -13.98 -3.76 -23.22
C ALA A 40 -15.33 -4.23 -23.75
N LEU A 41 -15.96 -3.46 -24.64
CA LEU A 41 -17.23 -3.88 -25.27
C LEU A 41 -16.99 -5.20 -26.02
N LEU A 42 -15.83 -5.36 -26.65
CA LEU A 42 -15.53 -6.66 -27.31
C LEU A 42 -15.37 -7.81 -26.29
N ALA A 43 -15.24 -7.56 -24.98
CA ALA A 43 -14.94 -8.60 -23.95
C ALA A 43 -16.09 -9.60 -23.84
N LYS A 44 -15.77 -10.90 -23.75
CA LYS A 44 -16.80 -11.95 -23.57
C LYS A 44 -17.29 -11.92 -22.13
N ARG A 45 -16.43 -11.62 -21.18
CA ARG A 45 -16.82 -11.46 -19.76
C ARG A 45 -16.34 -10.10 -19.25
N GLY A 46 -17.24 -9.29 -18.68
CA GLY A 46 -16.91 -7.98 -18.10
C GLY A 46 -17.83 -7.63 -16.95
N LYS A 47 -17.49 -6.59 -16.16
CA LYS A 47 -18.30 -6.10 -15.02
C LYS A 47 -18.43 -4.58 -15.09
N GLU A 48 -19.40 -3.99 -14.42
CA GLU A 48 -19.58 -2.51 -14.42
C GLU A 48 -18.54 -1.89 -13.48
N THR A 49 -17.77 -0.92 -13.98
CA THR A 49 -16.63 -0.30 -13.26
C THR A 49 -16.93 1.17 -13.05
N MET A 50 -16.50 1.69 -11.91
CA MET A 50 -16.61 3.13 -11.60
C MET A 50 -15.20 3.67 -11.49
N ARG A 51 -15.03 4.98 -11.57
CA ARG A 51 -13.74 5.65 -11.35
C ARG A 51 -14.09 6.83 -10.47
N THR A 52 -13.24 7.19 -9.52
CA THR A 52 -13.58 8.30 -8.61
C THR A 52 -12.84 9.53 -9.09
N LEU A 53 -13.56 10.59 -9.46
CA LEU A 53 -12.90 11.84 -9.90
C LEU A 53 -12.94 12.83 -8.74
N GLN A 54 -11.84 13.52 -8.48
CA GLN A 54 -11.77 14.49 -7.36
C GLN A 54 -12.03 15.92 -7.87
N PHE A 55 -12.97 16.61 -7.26
CA PHE A 55 -13.31 17.99 -7.65
C PHE A 55 -12.96 18.89 -6.49
N PRO A 56 -11.83 19.59 -6.55
CA PRO A 56 -11.49 20.56 -5.53
C PRO A 56 -12.57 21.62 -5.39
N LEU A 57 -13.17 21.79 -4.24
CA LEU A 57 -14.14 22.90 -4.09
C LEU A 57 -13.36 24.22 -4.03
N GLU A 58 -13.96 25.31 -4.49
CA GLU A 58 -13.27 26.61 -4.59
C GLU A 58 -13.73 27.46 -3.43
N MET A 59 -12.83 27.76 -2.51
CA MET A 59 -13.19 28.59 -1.34
C MET A 59 -12.20 29.74 -1.29
N SER A 60 -12.66 30.92 -0.87
CA SER A 60 -11.76 32.08 -0.68
C SER A 60 -11.09 31.92 0.67
N GLU A 61 -10.10 32.73 0.96
CA GLU A 61 -9.34 32.57 2.23
C GLU A 61 -10.28 32.79 3.41
N PRO A 62 -11.10 33.86 3.45
CA PRO A 62 -12.03 34.01 4.56
C PRO A 62 -12.93 32.78 4.76
N GLU A 63 -13.46 32.26 3.68
CA GLU A 63 -14.37 31.09 3.73
C GLU A 63 -13.61 29.88 4.29
N ALA A 64 -12.37 29.66 3.86
CA ALA A 64 -11.57 28.52 4.33
C ALA A 64 -11.28 28.70 5.82
N ALA A 65 -11.01 29.92 6.24
CA ALA A 65 -10.77 30.19 7.67
C ALA A 65 -12.04 29.88 8.45
N ALA A 66 -13.20 30.21 7.90
CA ALA A 66 -14.49 30.05 8.61
C ALA A 66 -14.85 28.57 8.76
N ILE A 67 -14.27 27.68 7.95
CA ILE A 67 -14.51 26.23 8.10
C ILE A 67 -13.96 25.81 9.45
N ASN A 68 -14.76 25.12 10.24
CA ASN A 68 -14.32 24.60 11.54
C ASN A 68 -14.20 23.10 11.39
N THR A 69 -13.01 22.55 11.55
CA THR A 69 -12.81 21.11 11.32
C THR A 69 -12.96 20.33 12.63
N THR A 70 -13.19 20.99 13.76
CA THR A 70 -13.43 20.31 15.04
C THR A 70 -14.69 19.45 14.95
N PRO A 71 -15.91 19.98 14.65
CA PRO A 71 -17.06 19.10 14.61
C PRO A 71 -16.80 17.94 13.64
N PHE A 72 -16.14 18.24 12.55
CA PHE A 72 -15.84 17.20 11.55
C PHE A 72 -14.93 16.16 12.16
N ALA A 73 -13.92 16.57 12.93
CA ALA A 73 -12.98 15.62 13.57
C ALA A 73 -13.74 14.75 14.57
N VAL A 74 -14.65 15.35 15.34
CA VAL A 74 -15.49 14.59 16.28
C VAL A 74 -16.21 13.49 15.52
N ALA A 75 -16.84 13.90 14.42
CA ALA A 75 -17.68 12.97 13.65
C ALA A 75 -16.79 11.87 13.11
N TYR A 76 -15.63 12.21 12.60
CA TYR A 76 -14.74 11.20 11.99
C TYR A 76 -14.29 10.20 13.07
N ASN A 77 -13.98 10.69 14.26
CA ASN A 77 -13.54 9.81 15.36
C ASN A 77 -14.67 8.87 15.75
N ALA A 78 -15.91 9.37 15.82
CA ALA A 78 -17.06 8.51 16.13
C ALA A 78 -17.23 7.46 15.02
N ILE A 79 -17.04 7.82 13.77
CA ILE A 79 -17.33 6.89 12.66
C ILE A 79 -16.14 5.95 12.58
N GLU A 80 -14.96 6.45 12.28
CA GLU A 80 -13.79 5.60 11.91
C GLU A 80 -13.04 5.04 13.13
N GLY A 81 -13.25 5.58 14.34
CA GLY A 81 -12.53 5.13 15.54
C GLY A 81 -12.86 3.70 15.99
N THR A 82 -11.88 3.02 16.59
CA THR A 82 -12.06 1.66 17.16
C THR A 82 -12.17 1.74 18.68
N GLY A 83 -12.06 2.92 19.26
CA GLY A 83 -12.11 3.03 20.73
C GLY A 83 -13.48 3.26 21.33
N LYS A 84 -13.51 3.58 22.61
CA LYS A 84 -14.77 3.89 23.34
C LYS A 84 -15.33 5.18 22.78
N GLY A 85 -16.66 5.28 22.72
CA GLY A 85 -17.37 6.44 22.14
C GLY A 85 -17.29 6.42 20.60
N THR A 86 -17.02 5.27 20.00
CA THR A 86 -17.10 5.11 18.56
C THR A 86 -18.13 4.05 18.18
N LEU A 87 -18.49 4.01 16.90
CA LEU A 87 -19.53 3.10 16.42
C LEU A 87 -19.03 1.67 16.56
N PHE A 88 -17.76 1.42 16.25
CA PHE A 88 -17.24 0.03 16.27
C PHE A 88 -17.43 -0.50 17.68
N ASP A 89 -17.11 0.28 18.67
CA ASP A 89 -17.22 -0.20 20.05
C ASP A 89 -18.65 -0.59 20.34
N TYR A 90 -19.61 0.26 20.00
CA TYR A 90 -21.05 0.02 20.28
C TYR A 90 -21.58 -1.22 19.53
N TRP A 91 -21.17 -1.37 18.29
CA TRP A 91 -21.55 -2.55 17.48
C TRP A 91 -21.03 -3.82 18.15
N ALA A 92 -19.76 -3.79 18.55
CA ALA A 92 -19.12 -4.98 19.14
C ALA A 92 -19.86 -5.27 20.43
N LYS A 93 -20.19 -4.24 21.17
CA LYS A 93 -20.84 -4.45 22.46
C LYS A 93 -22.17 -5.13 22.23
N LEU A 94 -22.93 -4.68 21.25
CA LEU A 94 -24.25 -5.29 20.95
C LEU A 94 -24.02 -6.78 20.66
N HIS A 95 -23.06 -7.06 19.78
CA HIS A 95 -22.75 -8.47 19.41
C HIS A 95 -22.41 -9.31 20.65
N LEU A 96 -21.59 -8.80 21.55
CA LEU A 96 -21.09 -9.61 22.68
C LEU A 96 -22.11 -9.64 23.80
N ALA A 97 -23.10 -8.77 23.76
CA ALA A 97 -24.14 -8.76 24.81
C ALA A 97 -25.08 -9.93 24.56
N GLY A 98 -25.07 -10.52 23.36
CA GLY A 98 -26.05 -11.57 23.04
C GLY A 98 -27.11 -11.12 22.06
N PHE A 99 -26.80 -10.18 21.18
CA PHE A 99 -27.74 -9.69 20.14
C PHE A 99 -27.39 -10.28 18.77
N ARG A 100 -28.42 -10.72 18.05
CA ARG A 100 -28.24 -11.28 16.69
C ARG A 100 -28.78 -10.23 15.73
N PHE A 101 -28.16 -10.09 14.58
CA PHE A 101 -28.50 -8.98 13.67
C PHE A 101 -29.44 -9.47 12.57
N PHE A 102 -30.57 -8.78 12.39
CA PHE A 102 -31.57 -9.15 11.35
C PHE A 102 -31.83 -7.99 10.41
N PRO A 103 -31.83 -8.24 9.08
CA PRO A 103 -32.11 -7.20 8.09
C PRO A 103 -33.32 -6.29 8.34
N SER A 104 -34.39 -6.78 8.95
CA SER A 104 -35.60 -5.96 9.25
C SER A 104 -36.05 -6.13 10.71
N ALA A 253 -37.33 -2.53 15.25
CA ALA A 253 -36.05 -3.03 15.86
C ALA A 253 -35.41 -4.09 14.95
N THR A 254 -34.17 -3.88 14.56
CA THR A 254 -33.50 -4.78 13.62
C THR A 254 -32.66 -5.80 14.38
N VAL A 255 -32.73 -5.75 15.70
CA VAL A 255 -31.84 -6.63 16.52
C VAL A 255 -32.70 -7.42 17.50
N ALA A 256 -32.29 -8.64 17.80
CA ALA A 256 -33.00 -9.46 18.82
C ALA A 256 -31.97 -10.16 19.70
N TRP A 257 -32.32 -10.39 20.95
CA TRP A 257 -31.40 -11.08 21.87
C TRP A 257 -31.62 -12.58 21.82
N HIS A 258 -30.66 -13.33 21.29
CA HIS A 258 -30.77 -14.80 21.21
C HIS A 258 -29.56 -15.49 21.83
N ASP A 259 -28.37 -15.15 21.36
CA ASP A 259 -27.14 -15.85 21.79
C ASP A 259 -26.78 -15.55 23.25
N ALA A 260 -26.07 -16.49 23.87
CA ALA A 260 -25.56 -16.30 25.24
C ALA A 260 -24.47 -15.25 25.22
N PRO A 261 -24.42 -14.36 26.22
CA PRO A 261 -23.46 -13.25 26.22
C PRO A 261 -22.00 -13.72 26.33
N MET A 262 -21.12 -13.11 25.56
CA MET A 262 -19.69 -13.45 25.65
C MET A 262 -18.98 -12.27 26.34
N SER A 263 -18.41 -12.51 27.52
CA SER A 263 -17.81 -11.44 28.33
C SER A 263 -16.33 -11.72 28.54
N GLY A 264 -15.52 -10.65 28.47
CA GLY A 264 -14.08 -10.64 28.77
C GLY A 264 -13.20 -10.78 27.55
N VAL A 265 -13.64 -10.29 26.39
CA VAL A 265 -12.78 -10.38 25.17
C VAL A 265 -12.09 -9.06 24.97
N GLN A 266 -10.77 -9.05 25.08
CA GLN A 266 -9.98 -7.80 24.90
C GLN A 266 -10.08 -7.34 23.45
N ASN A 267 -10.05 -8.27 22.50
CA ASN A 267 -10.21 -7.91 21.07
C ASN A 267 -11.68 -8.11 20.69
N LEU A 268 -12.43 -7.03 20.67
CA LEU A 268 -13.88 -7.11 20.44
C LEU A 268 -14.17 -7.67 19.03
N ALA A 269 -13.42 -7.27 18.02
CA ALA A 269 -13.71 -7.76 16.66
C ALA A 269 -13.55 -9.27 16.64
N ILE A 270 -12.50 -9.77 17.25
CA ILE A 270 -12.22 -11.22 17.26
C ILE A 270 -13.37 -11.90 18.01
N GLY A 271 -13.78 -11.35 19.13
CA GLY A 271 -14.92 -11.93 19.88
C GLY A 271 -16.16 -12.05 19.00
N VAL A 272 -16.49 -10.99 18.29
CA VAL A 272 -17.68 -10.97 17.40
C VAL A 272 -17.53 -12.09 16.36
N PHE A 273 -16.38 -12.13 15.71
CA PHE A 273 -16.20 -13.13 14.64
C PHE A 273 -16.39 -14.53 15.23
N ALA A 274 -15.83 -14.80 16.41
CA ALA A 274 -15.96 -16.11 17.08
C ALA A 274 -17.42 -16.37 17.46
N THR A 275 -18.14 -15.39 17.98
CA THR A 275 -19.55 -15.58 18.39
C THR A 275 -20.39 -15.94 17.17
N CYS A 276 -20.20 -15.23 16.08
CA CYS A 276 -20.95 -15.52 14.84
C CYS A 276 -20.58 -16.92 14.31
N ALA A 277 -19.30 -17.24 14.33
CA ALA A 277 -18.81 -18.54 13.79
C ALA A 277 -19.32 -19.70 14.66
N SER A 278 -19.56 -19.46 15.95
CA SER A 278 -20.08 -20.52 16.84
C SER A 278 -21.43 -21.00 16.32
N ARG A 279 -22.24 -20.07 15.85
CA ARG A 279 -23.58 -20.42 15.30
C ARG A 279 -23.42 -21.29 14.04
N ILE A 280 -22.44 -20.99 13.19
CA ILE A 280 -22.18 -21.80 11.98
C ILE A 280 -21.74 -23.20 12.40
N ASP A 281 -22.20 -24.23 11.71
CA ASP A 281 -21.84 -25.64 12.02
C ASP A 281 -21.14 -26.28 10.83
N ASN A 282 -20.38 -27.34 11.08
CA ASN A 282 -19.61 -28.05 10.02
C ASN A 282 -18.72 -27.03 9.30
N ILE A 283 -18.07 -26.15 10.08
CA ILE A 283 -17.29 -24.97 9.58
C ILE A 283 -15.98 -25.41 8.93
N TYR A 284 -15.41 -26.55 9.34
CA TYR A 284 -14.07 -26.96 8.87
C TYR A 284 -14.06 -27.26 7.37
N ASP A 285 -15.09 -27.92 6.85
CA ASP A 285 -15.18 -28.17 5.39
C ASP A 285 -15.36 -26.85 4.64
N LEU A 286 -16.09 -25.89 5.22
CA LEU A 286 -16.35 -24.57 4.56
C LEU A 286 -15.02 -23.89 4.24
N ASN A 287 -14.88 -23.36 3.03
CA ASN A 287 -13.64 -22.67 2.61
C ASN A 287 -13.59 -21.28 3.25
N GLY A 288 -12.43 -20.63 3.19
CA GLY A 288 -12.20 -19.27 3.71
C GLY A 288 -13.28 -18.32 3.23
N GLY A 289 -13.51 -18.29 1.91
CA GLY A 289 -14.52 -17.40 1.27
C GLY A 289 -15.88 -17.58 1.91
N LYS A 290 -16.36 -18.81 1.98
CA LYS A 290 -17.70 -19.12 2.52
C LYS A 290 -17.75 -18.68 3.98
N LEU A 291 -16.71 -18.99 4.75
CA LEU A 291 -16.66 -18.60 6.18
C LEU A 291 -16.87 -17.08 6.26
N SER A 292 -16.06 -16.32 5.53
CA SER A 292 -16.13 -14.83 5.53
C SER A 292 -17.57 -14.40 5.21
N LYS A 293 -18.14 -14.94 4.14
CA LYS A 293 -19.52 -14.57 3.71
C LYS A 293 -20.49 -14.76 4.88
N LEU A 294 -20.52 -15.96 5.47
CA LEU A 294 -21.48 -16.26 6.56
C LEU A 294 -21.24 -15.28 7.72
N ILE A 295 -19.98 -15.08 8.10
CA ILE A 295 -19.63 -14.22 9.27
C ILE A 295 -20.17 -12.81 9.01
N GLN A 296 -19.92 -12.25 7.81
CA GLN A 296 -20.32 -10.84 7.52
C GLN A 296 -21.84 -10.75 7.46
N GLU A 297 -22.49 -11.78 6.91
CA GLU A 297 -23.98 -11.84 6.88
C GLU A 297 -24.50 -11.74 8.32
N SER A 298 -23.86 -12.46 9.24
CA SER A 298 -24.29 -12.51 10.66
C SER A 298 -23.98 -11.17 11.34
N ALA A 299 -22.88 -10.53 10.99
CA ALA A 299 -22.42 -9.29 11.69
C ALA A 299 -23.04 -8.04 11.05
N THR A 300 -23.00 -7.92 9.73
CA THR A 300 -23.46 -6.67 9.04
C THR A 300 -24.77 -6.81 8.25
N THR A 301 -25.44 -7.95 8.21
CA THR A 301 -26.81 -8.12 7.61
C THR A 301 -27.00 -7.61 6.19
N PRO A 302 -26.33 -8.19 5.18
CA PRO A 302 -26.34 -7.79 3.78
C PRO A 302 -26.79 -6.40 3.33
N ASN A 303 -25.85 -5.65 2.76
CA ASN A 303 -26.04 -4.23 2.33
C ASN A 303 -26.36 -3.41 3.58
N VAL A 304 -25.86 -3.85 4.73
CA VAL A 304 -25.82 -3.09 6.00
C VAL A 304 -27.21 -2.57 6.38
N THR A 305 -28.23 -3.40 6.18
CA THR A 305 -29.64 -2.99 6.45
C THR A 305 -29.93 -2.80 7.95
N ALA A 306 -29.40 -3.64 8.84
CA ALA A 306 -29.76 -3.55 10.28
C ALA A 306 -29.20 -2.27 10.87
N LEU A 307 -28.05 -1.82 10.36
CA LEU A 307 -27.36 -0.64 10.94
C LEU A 307 -28.15 0.62 10.68
N SER A 308 -29.05 0.63 9.71
CA SER A 308 -29.94 1.79 9.47
C SER A 308 -30.73 2.04 10.74
N TRP A 309 -31.25 0.98 11.36
CA TRP A 309 -31.99 1.20 12.63
C TRP A 309 -31.01 1.49 13.76
N LEU A 310 -29.99 0.66 13.90
CA LEU A 310 -29.07 0.74 15.08
C LEU A 310 -28.31 2.06 15.09
N PHE A 311 -27.78 2.50 13.95
CA PHE A 311 -26.98 3.76 13.91
C PHE A 311 -27.86 4.98 14.11
N GLY A 312 -29.11 4.96 13.70
CA GLY A 312 -30.00 6.11 13.98
C GLY A 312 -30.93 5.92 15.13
N LYS A 313 -32.05 5.27 14.86
CA LYS A 313 -33.15 5.18 15.86
C LYS A 313 -32.72 4.27 17.01
N GLY A 314 -31.97 3.22 16.73
CA GLY A 314 -31.52 2.29 17.78
C GLY A 314 -30.57 2.90 18.74
N LEU A 315 -29.66 3.70 18.19
CA LEU A 315 -28.66 4.39 19.02
C LEU A 315 -29.43 5.27 20.00
N GLU A 316 -30.43 5.98 19.49
CA GLU A 316 -31.26 6.83 20.37
C GLU A 316 -31.94 5.97 21.45
N TYR A 317 -32.37 4.76 21.10
CA TYR A 317 -33.07 3.86 22.05
C TYR A 317 -32.09 3.39 23.12
N PHE A 318 -30.92 2.91 22.72
CA PHE A 318 -29.93 2.43 23.71
C PHE A 318 -29.45 3.59 24.58
N ARG A 319 -29.26 4.77 23.98
CA ARG A 319 -28.77 5.97 24.70
C ARG A 319 -29.89 6.46 25.62
N THR A 320 -31.15 6.17 25.32
CA THR A 320 -32.28 6.72 26.10
C THR A 320 -33.29 5.61 26.42
N THR A 321 -32.91 4.62 27.22
CA THR A 321 -33.83 3.54 27.67
C THR A 321 -33.24 2.83 28.89
N ASP A 322 -33.95 2.87 30.01
CA ASP A 322 -33.55 2.15 31.25
C ASP A 322 -33.09 0.73 30.91
N ILE A 323 -32.07 0.28 31.59
CA ILE A 323 -31.50 -1.07 31.35
C ILE A 323 -32.59 -2.12 31.57
N ASP A 324 -33.38 -1.99 32.64
CA ASP A 324 -34.44 -2.97 32.96
C ASP A 324 -35.46 -3.00 31.82
N THR A 325 -35.86 -1.83 31.31
CA THR A 325 -36.82 -1.75 30.20
C THR A 325 -36.24 -2.43 28.96
N ILE A 326 -34.97 -2.20 28.68
CA ILE A 326 -34.31 -2.87 27.52
C ILE A 326 -34.40 -4.38 27.72
N MET A 327 -34.10 -4.84 28.92
CA MET A 327 -34.09 -6.29 29.23
C MET A 327 -35.51 -6.86 29.01
N GLN A 328 -36.52 -6.13 29.46
CA GLN A 328 -37.92 -6.57 29.31
C GLN A 328 -38.27 -6.65 27.83
N ASP A 329 -37.87 -5.66 27.05
CA ASP A 329 -38.24 -5.60 25.60
C ASP A 329 -37.63 -6.77 24.85
N PHE A 330 -36.35 -7.03 25.00
CA PHE A 330 -35.67 -8.09 24.22
C PHE A 330 -35.69 -9.42 25.00
N ASN A 331 -36.49 -9.52 26.06
CA ASN A 331 -36.63 -10.78 26.85
C ASN A 331 -35.25 -11.31 27.26
N ILE A 332 -34.43 -10.48 27.88
CA ILE A 332 -33.06 -10.88 28.30
C ILE A 332 -33.09 -11.34 29.75
N PRO A 333 -32.54 -12.52 30.12
CA PRO A 333 -32.49 -12.87 31.53
C PRO A 333 -31.50 -12.02 32.34
N ALA A 334 -31.67 -12.03 33.66
CA ALA A 334 -30.91 -11.16 34.59
C ALA A 334 -29.40 -11.43 34.50
N SER A 335 -29.00 -12.65 34.14
CA SER A 335 -27.57 -13.04 34.04
C SER A 335 -26.83 -12.08 33.09
N ALA A 336 -27.43 -11.71 31.96
CA ALA A 336 -26.74 -10.92 30.90
C ALA A 336 -26.80 -9.42 31.21
N LYS A 337 -27.25 -9.07 32.40
CA LYS A 337 -27.45 -7.64 32.73
C LYS A 337 -26.14 -6.87 32.61
N GLU A 338 -25.01 -7.48 32.95
CA GLU A 338 -23.69 -6.78 32.88
C GLU A 338 -23.32 -6.51 31.42
N SER A 339 -23.38 -7.53 30.56
CA SER A 339 -23.00 -7.35 29.15
C SER A 339 -23.80 -6.16 28.63
N ILE A 340 -25.07 -6.09 29.02
CA ILE A 340 -25.95 -5.00 28.56
C ILE A 340 -25.44 -3.65 29.11
N LYS A 341 -24.99 -3.58 30.36
CA LYS A 341 -24.66 -2.25 30.94
C LYS A 341 -23.55 -1.57 30.13
N PRO A 342 -22.39 -2.19 29.85
CA PRO A 342 -21.46 -1.65 28.88
C PRO A 342 -22.02 -1.28 27.51
N LEU A 343 -22.94 -2.07 26.98
CA LEU A 343 -23.58 -1.71 25.68
C LEU A 343 -24.31 -0.37 25.86
N VAL A 344 -25.05 -0.22 26.93
CA VAL A 344 -25.76 1.05 27.18
C VAL A 344 -24.72 2.14 27.37
N GLU A 345 -23.67 1.84 28.12
CA GLU A 345 -22.63 2.87 28.42
C GLU A 345 -21.87 3.23 27.15
N SER A 346 -21.60 2.25 26.30
CA SER A 346 -20.92 2.51 25.01
C SER A 346 -21.82 3.39 24.16
N ALA A 347 -23.12 3.08 24.16
CA ALA A 347 -24.07 3.86 23.33
C ALA A 347 -24.08 5.30 23.80
N GLN A 348 -24.12 5.48 25.11
CA GLN A 348 -24.20 6.86 25.67
C GLN A 348 -22.90 7.59 25.32
N ALA A 349 -21.78 6.88 25.35
CA ALA A 349 -20.47 7.50 25.08
C ALA A 349 -20.43 8.07 23.67
N ILE A 350 -21.22 7.57 22.74
CA ILE A 350 -21.18 8.17 21.35
C ILE A 350 -21.61 9.66 21.30
N PRO A 351 -20.85 10.54 20.57
CA PRO A 351 -21.31 11.94 20.44
C PRO A 351 -22.50 12.14 19.49
N THR A 352 -22.78 13.39 19.16
CA THR A 352 -23.93 13.76 18.30
C THR A 352 -23.44 14.19 16.92
N MET A 353 -24.03 13.63 15.87
CA MET A 353 -23.62 13.99 14.48
C MET A 353 -24.18 15.37 14.14
N THR A 354 -23.32 16.30 13.77
CA THR A 354 -23.75 17.65 13.35
C THR A 354 -23.30 17.96 11.91
N VAL A 355 -22.35 17.22 11.39
CA VAL A 355 -21.78 17.54 10.06
C VAL A 355 -22.76 17.13 8.95
N LEU A 356 -22.65 17.80 7.80
CA LEU A 356 -23.37 17.47 6.54
C LEU A 356 -24.89 17.55 6.70
N GLY A 357 -25.38 18.40 7.62
CA GLY A 357 -26.82 18.49 7.94
C GLY A 357 -27.43 17.15 8.32
N LYS A 358 -26.70 16.29 9.02
CA LYS A 358 -27.18 14.93 9.35
C LYS A 358 -27.50 14.84 10.85
N LYS A 359 -28.68 14.39 11.17
CA LYS A 359 -29.09 14.21 12.59
C LYS A 359 -28.40 12.99 13.21
N ASN A 360 -28.20 11.91 12.46
CA ASN A 360 -27.70 10.65 13.08
C ASN A 360 -26.63 9.95 12.24
N TYR A 361 -26.11 8.81 12.71
CA TYR A 361 -24.97 8.14 12.01
C TYR A 361 -25.42 7.14 10.96
N ALA A 362 -26.73 7.01 10.71
CA ALA A 362 -27.27 5.98 9.75
C ALA A 362 -26.77 6.16 8.32
N PRO A 363 -26.65 7.42 7.80
CA PRO A 363 -26.12 7.65 6.46
C PRO A 363 -24.70 7.16 6.27
N PHE A 364 -23.89 7.27 7.31
CA PHE A 364 -22.47 6.87 7.26
C PHE A 364 -22.34 5.36 7.32
N ARG A 365 -23.40 4.68 7.77
CA ARG A 365 -23.43 3.19 7.91
C ARG A 365 -22.86 2.39 6.74
N PRO A 366 -22.95 2.70 5.43
CA PRO A 366 -22.24 1.96 4.38
C PRO A 366 -20.73 1.73 4.58
N ASN A 367 -19.98 2.78 4.89
CA ASN A 367 -18.49 2.69 5.01
C ASN A 367 -18.10 1.84 6.23
N PHE A 368 -18.83 1.98 7.32
CA PHE A 368 -18.57 1.16 8.51
C PHE A 368 -18.73 -0.30 8.13
N GLY A 369 -19.85 -0.58 7.49
CA GLY A 369 -20.19 -1.93 7.07
C GLY A 369 -19.03 -2.44 6.26
N GLY A 370 -18.54 -1.62 5.35
CA GLY A 370 -17.53 -2.05 4.37
C GLY A 370 -16.22 -2.39 5.05
N LYS A 371 -15.78 -1.55 6.00
CA LYS A 371 -14.49 -1.85 6.68
C LYS A 371 -14.66 -3.14 7.50
N ILE A 372 -15.79 -3.27 8.17
CA ILE A 372 -15.99 -4.46 9.02
C ILE A 372 -15.92 -5.67 8.09
N ASP A 373 -16.53 -5.58 6.91
CA ASP A 373 -16.63 -6.73 6.00
C ASP A 373 -15.26 -7.10 5.46
N SER A 374 -14.43 -6.11 5.16
CA SER A 374 -13.05 -6.40 4.67
C SER A 374 -12.30 -7.15 5.78
N TRP A 375 -12.44 -6.67 7.01
CA TRP A 375 -11.74 -7.34 8.11
C TRP A 375 -12.24 -8.77 8.21
N ILE A 376 -13.54 -8.97 8.12
CA ILE A 376 -14.15 -10.32 8.28
C ILE A 376 -13.53 -11.22 7.21
N ALA A 377 -13.52 -10.75 5.99
CA ALA A 377 -13.02 -11.59 4.90
C ALA A 377 -11.58 -11.99 5.20
N ASN A 378 -10.77 -11.02 5.58
CA ASN A 378 -9.31 -11.32 5.77
C ASN A 378 -9.16 -12.36 6.88
N TYR A 379 -9.86 -12.13 7.97
CA TYR A 379 -9.70 -13.02 9.13
C TYR A 379 -10.15 -14.44 8.77
N ALA A 380 -11.27 -14.57 8.06
CA ALA A 380 -11.82 -15.90 7.69
C ALA A 380 -10.81 -16.60 6.81
N SER A 381 -10.25 -15.87 5.85
CA SER A 381 -9.29 -16.48 4.91
C SER A 381 -8.10 -17.01 5.70
N ARG A 382 -7.57 -16.18 6.60
CA ARG A 382 -6.42 -16.61 7.44
C ARG A 382 -6.81 -17.90 8.16
N LEU A 383 -7.94 -17.88 8.85
CA LEU A 383 -8.28 -19.05 9.70
C LEU A 383 -8.37 -20.30 8.82
N MET A 384 -8.93 -20.20 7.62
CA MET A 384 -9.04 -21.42 6.79
C MET A 384 -7.68 -21.86 6.25
N LEU A 385 -6.80 -20.92 5.93
CA LEU A 385 -5.42 -21.29 5.51
C LEU A 385 -4.78 -22.05 6.67
N LEU A 386 -5.03 -21.63 7.90
CA LEU A 386 -4.43 -22.41 8.99
C LEU A 386 -5.08 -23.74 9.23
N ASN A 387 -6.38 -23.87 9.04
CA ASN A 387 -6.97 -25.21 9.20
C ASN A 387 -6.19 -26.07 8.22
N ASP A 388 -6.01 -25.56 7.00
CA ASP A 388 -5.32 -26.36 5.97
C ASP A 388 -3.93 -26.74 6.47
N ILE A 389 -3.18 -25.77 6.99
CA ILE A 389 -1.77 -25.99 7.43
C ILE A 389 -1.75 -27.04 8.53
N LEU A 390 -2.65 -26.92 9.50
CA LEU A 390 -2.66 -27.87 10.65
C LEU A 390 -2.99 -29.28 10.17
N GLU A 391 -3.93 -29.40 9.22
CA GLU A 391 -4.29 -30.74 8.71
C GLU A 391 -3.09 -31.31 7.97
N GLN A 392 -2.36 -30.47 7.24
CA GLN A 392 -1.25 -30.97 6.38
C GLN A 392 -0.03 -31.36 7.22
N ILE A 393 0.12 -30.88 8.46
CA ILE A 393 1.38 -31.12 9.22
C ILE A 393 1.74 -32.60 9.17
N GLU A 394 2.90 -32.92 8.59
CA GLU A 394 3.44 -34.30 8.54
C GLU A 394 4.63 -34.30 9.48
N PRO A 395 4.58 -35.05 10.60
CA PRO A 395 5.69 -35.07 11.55
C PRO A 395 6.98 -35.69 11.01
N GLY A 396 8.12 -35.25 11.55
CA GLY A 396 9.46 -35.82 11.32
C GLY A 396 10.21 -35.20 10.15
N PHE A 397 9.70 -34.15 9.51
CA PHE A 397 10.48 -33.42 8.47
C PHE A 397 11.68 -32.77 9.15
N GLU A 398 12.86 -32.92 8.58
CA GLU A 398 14.06 -32.26 9.12
C GLU A 398 14.98 -31.91 7.96
N LEU A 399 15.71 -30.81 8.10
CA LEU A 399 16.71 -30.42 7.08
C LEU A 399 17.89 -31.37 7.16
N PRO A 400 18.49 -31.80 6.03
CA PRO A 400 19.67 -32.65 6.14
C PRO A 400 20.80 -31.95 6.89
N GLN A 401 21.59 -32.72 7.63
CA GLN A 401 22.74 -32.15 8.38
C GLN A 401 23.70 -31.53 7.37
N ALA A 402 23.89 -32.16 6.22
CA ALA A 402 24.78 -31.67 5.16
C ALA A 402 24.32 -30.27 4.73
N LEU A 403 23.02 -30.06 4.60
CA LEU A 403 22.49 -28.76 4.17
C LEU A 403 22.94 -27.74 5.21
N LEU A 404 22.69 -28.05 6.46
CA LEU A 404 23.02 -27.12 7.56
C LEU A 404 24.52 -26.85 7.55
N ASP A 405 25.32 -27.87 7.29
CA ASP A 405 26.80 -27.73 7.34
C ASP A 405 27.32 -26.75 6.28
N ASN A 406 26.67 -26.69 5.11
CA ASN A 406 27.12 -25.80 4.02
C ASN A 406 27.04 -24.32 4.46
N GLU A 407 28.19 -23.76 4.82
CA GLU A 407 28.27 -22.36 5.33
C GLU A 407 27.81 -21.39 4.23
N THR A 408 28.20 -21.63 2.99
CA THR A 408 27.83 -20.75 1.87
C THR A 408 26.31 -20.75 1.75
N LEU A 409 25.67 -21.91 1.77
CA LEU A 409 24.19 -21.97 1.65
C LEU A 409 23.57 -21.27 2.84
N MET A 410 24.18 -21.38 4.01
CA MET A 410 23.65 -20.69 5.21
C MET A 410 23.74 -19.16 5.11
N SER A 411 24.80 -18.57 4.55
CA SER A 411 25.00 -17.07 4.60
C SER A 411 23.73 -16.24 4.27
N GLY A 412 23.09 -15.66 5.29
CA GLY A 412 21.94 -14.75 5.12
C GLY A 412 20.61 -15.39 5.48
N ILE A 413 20.60 -16.41 6.33
CA ILE A 413 19.33 -16.88 6.95
C ILE A 413 19.14 -16.18 8.30
N ASP A 414 20.18 -15.54 8.85
CA ASP A 414 20.11 -14.76 10.11
C ASP A 414 19.78 -15.66 11.31
N MET A 415 20.19 -16.92 11.26
CA MET A 415 20.08 -17.83 12.43
C MET A 415 21.08 -18.96 12.26
N THR A 416 21.30 -19.79 13.27
CA THR A 416 22.22 -20.95 13.13
C THR A 416 21.46 -22.18 12.67
N GLY A 417 22.15 -23.25 12.26
CA GLY A 417 21.51 -24.53 11.88
C GLY A 417 20.82 -25.18 13.07
N ASP A 418 21.50 -25.14 14.20
CA ASP A 418 20.92 -25.68 15.45
C ASP A 418 19.68 -24.86 15.75
N GLU A 419 19.78 -23.55 15.53
CA GLU A 419 18.67 -22.63 15.81
C GLU A 419 17.49 -23.03 14.92
N LEU A 420 17.76 -23.35 13.66
CA LEU A 420 16.71 -23.76 12.69
C LEU A 420 16.05 -25.08 13.13
N LYS A 421 16.83 -26.03 13.61
CA LYS A 421 16.23 -27.28 14.12
C LYS A 421 15.34 -26.97 15.33
N GLU A 422 15.81 -26.08 16.19
CA GLU A 422 15.04 -25.70 17.39
C GLU A 422 13.73 -25.08 16.92
N LEU A 423 13.82 -24.28 15.86
CA LEU A 423 12.64 -23.59 15.28
C LEU A 423 11.66 -24.66 14.78
N ILE A 424 12.12 -25.70 14.09
CA ILE A 424 11.21 -26.78 13.61
C ILE A 424 10.57 -27.52 14.81
N GLU A 425 11.30 -27.80 15.88
CA GLU A 425 10.65 -28.45 17.06
C GLU A 425 9.59 -27.51 17.67
N ALA A 426 9.92 -26.24 17.76
CA ALA A 426 9.00 -25.24 18.33
C ALA A 426 7.76 -25.28 17.47
N VAL A 427 7.97 -25.34 16.16
CA VAL A 427 6.86 -25.36 15.18
C VAL A 427 5.98 -26.57 15.45
N TYR A 428 6.49 -27.77 15.64
CA TYR A 428 5.58 -28.91 15.93
C TYR A 428 4.79 -28.72 17.24
N ALA A 429 5.45 -28.24 18.29
CA ALA A 429 4.70 -28.02 19.55
C ALA A 429 3.58 -26.98 19.31
N TRP A 430 3.93 -25.94 18.57
CA TRP A 430 2.96 -24.85 18.35
C TRP A 430 1.88 -25.28 17.35
N VAL A 431 2.12 -26.29 16.51
CA VAL A 431 1.10 -26.90 15.62
C VAL A 431 0.05 -27.46 16.55
N ASP A 432 0.50 -28.20 17.54
CA ASP A 432 -0.53 -28.71 18.47
C ASP A 432 -1.28 -27.52 19.10
N ALA A 433 -0.50 -26.53 19.54
CA ALA A 433 -1.13 -25.40 20.28
C ALA A 433 -2.14 -24.72 19.38
N ALA A 434 -1.83 -24.61 18.09
CA ALA A 434 -2.62 -23.89 17.10
C ALA A 434 -3.88 -24.66 16.74
N LYS A 435 -3.82 -25.97 16.64
CA LYS A 435 -5.09 -26.68 16.42
C LYS A 435 -5.97 -26.20 17.58
N GLN A 436 -5.43 -26.24 18.77
CA GLN A 436 -6.32 -25.90 19.91
C GLN A 436 -6.83 -24.45 19.77
N GLY A 437 -5.94 -23.53 19.41
CA GLY A 437 -6.28 -22.09 19.34
C GLY A 437 -7.32 -21.80 18.27
N LEU A 438 -7.20 -22.43 17.11
CA LEU A 438 -8.16 -22.23 16.01
C LEU A 438 -9.52 -22.78 16.47
N ALA A 439 -9.51 -23.93 17.14
CA ALA A 439 -10.78 -24.45 17.64
C ALA A 439 -11.39 -23.35 18.48
N THR A 440 -10.59 -22.77 19.37
CA THR A 440 -11.14 -21.76 20.32
C THR A 440 -11.68 -20.55 19.54
N LEU A 441 -10.98 -20.12 18.50
CA LEU A 441 -11.43 -18.95 17.71
C LEU A 441 -12.71 -19.25 16.89
N LEU A 442 -12.93 -20.45 16.37
CA LEU A 442 -14.22 -20.71 15.64
C LEU A 442 -15.39 -20.77 16.64
N GLY A 443 -15.14 -20.72 17.94
CA GLY A 443 -16.24 -20.60 18.91
C GLY A 443 -16.55 -21.91 19.60
N ARG A 444 -15.65 -22.90 19.52
CA ARG A 444 -15.83 -24.14 20.27
C ARG A 444 -15.85 -23.85 21.76
N GLY A 445 -14.99 -22.94 22.22
CA GLY A 445 -15.03 -22.40 23.60
C GLY A 445 -13.64 -22.12 24.11
N GLY A 446 -13.54 -21.49 25.28
CA GLY A 446 -12.25 -21.09 25.87
C GLY A 446 -11.89 -19.64 25.61
N ASN A 447 -10.73 -19.19 26.11
CA ASN A 447 -10.35 -17.75 26.09
C ASN A 447 -9.91 -17.30 24.69
N VAL A 448 -10.70 -16.42 24.13
CA VAL A 448 -10.46 -15.92 22.75
C VAL A 448 -9.10 -15.23 22.75
N ASP A 449 -8.79 -14.47 23.77
CA ASP A 449 -7.51 -13.70 23.84
C ASP A 449 -6.30 -14.62 23.85
N ASP A 450 -6.35 -15.67 24.66
CA ASP A 450 -5.22 -16.63 24.72
C ASP A 450 -5.11 -17.28 23.35
N ALA A 451 -6.24 -17.62 22.77
CA ALA A 451 -6.23 -18.29 21.47
C ALA A 451 -5.54 -17.36 20.47
N VAL A 452 -5.86 -16.07 20.53
CA VAL A 452 -5.30 -15.07 19.59
C VAL A 452 -3.80 -15.02 19.76
N GLN A 453 -3.32 -14.88 20.99
CA GLN A 453 -1.84 -14.85 21.21
C GLN A 453 -1.21 -16.12 20.62
N THR A 454 -1.78 -17.30 20.90
CA THR A 454 -1.18 -18.57 20.45
C THR A 454 -1.10 -18.53 18.93
N PHE A 455 -2.20 -18.14 18.33
CA PHE A 455 -2.38 -18.13 16.87
C PHE A 455 -1.28 -17.27 16.27
N GLU A 456 -1.14 -16.06 16.82
CA GLU A 456 -0.19 -15.07 16.28
C GLU A 456 1.23 -15.63 16.40
N GLN A 457 1.55 -16.21 17.55
CA GLN A 457 2.93 -16.72 17.76
C GLN A 457 3.18 -17.80 16.71
N PHE A 458 2.24 -18.70 16.54
CA PHE A 458 2.46 -19.85 15.65
C PHE A 458 2.63 -19.31 14.24
N SER A 459 1.82 -18.34 13.87
CA SER A 459 1.85 -17.73 12.52
C SER A 459 3.23 -17.14 12.28
N ALA A 460 3.74 -16.42 13.27
CA ALA A 460 5.06 -15.77 13.17
C ALA A 460 6.13 -16.84 12.98
N MET A 461 6.03 -17.91 13.76
CA MET A 461 7.02 -19.03 13.68
C MET A 461 6.98 -19.57 12.26
N MET A 462 5.79 -19.83 11.75
CA MET A 462 5.60 -20.49 10.43
C MET A 462 6.04 -19.54 9.33
N ASP A 463 6.05 -18.24 9.61
CA ASP A 463 6.47 -17.25 8.61
C ASP A 463 7.97 -17.28 8.55
N THR A 464 8.59 -17.21 9.73
CA THR A 464 10.05 -17.14 9.79
C THR A 464 10.60 -18.40 9.15
N LEU A 465 10.01 -19.54 9.47
CA LEU A 465 10.54 -20.83 8.97
C LEU A 465 10.45 -20.82 7.45
N ASN A 466 9.32 -20.38 6.92
CA ASN A 466 9.09 -20.41 5.46
C ASN A 466 10.11 -19.48 4.80
N GLY A 467 10.31 -18.31 5.38
CA GLY A 467 11.25 -17.32 4.82
C GLY A 467 12.63 -17.92 4.76
N THR A 468 13.03 -18.56 5.84
CA THR A 468 14.37 -19.15 5.93
C THR A 468 14.49 -20.20 4.83
N LEU A 469 13.47 -21.04 4.71
CA LEU A 469 13.52 -22.14 3.72
C LEU A 469 13.60 -21.55 2.32
N ASN A 470 12.87 -20.50 2.04
CA ASN A 470 12.86 -19.88 0.69
C ASN A 470 14.24 -19.31 0.40
N THR A 471 14.85 -18.68 1.40
CA THR A 471 16.20 -18.09 1.23
C THR A 471 17.14 -19.22 0.89
N ILE A 472 17.03 -20.33 1.62
CA ILE A 472 17.96 -21.46 1.41
C ILE A 472 17.75 -21.97 -0.01
N SER A 473 16.50 -22.06 -0.44
CA SER A 473 16.15 -22.56 -1.80
C SER A 473 16.73 -21.65 -2.88
N ALA A 474 16.65 -20.34 -2.69
CA ALA A 474 17.18 -19.37 -3.67
C ALA A 474 18.69 -19.55 -3.74
N ARG A 475 19.30 -19.73 -2.58
CA ARG A 475 20.77 -19.89 -2.54
C ARG A 475 21.10 -21.17 -3.30
N TYR A 476 20.30 -22.20 -3.11
CA TYR A 476 20.51 -23.53 -3.73
C TYR A 476 20.42 -23.36 -5.24
N VAL A 477 19.43 -22.61 -5.70
CA VAL A 477 19.22 -22.38 -7.15
C VAL A 477 20.43 -21.66 -7.72
N ARG A 478 20.90 -20.63 -7.02
CA ARG A 478 22.07 -19.86 -7.50
C ARG A 478 23.28 -20.80 -7.59
N ALA A 479 23.43 -21.65 -6.58
CA ALA A 479 24.58 -22.58 -6.52
C ALA A 479 24.48 -23.53 -7.71
N VAL A 480 23.28 -24.01 -8.01
CA VAL A 480 23.06 -24.96 -9.14
C VAL A 480 23.40 -24.25 -10.44
N GLU A 481 22.99 -23.01 -10.59
CA GLU A 481 23.27 -22.24 -11.82
C GLU A 481 24.77 -22.16 -11.98
N MET A 482 25.49 -21.89 -10.89
CA MET A 482 26.97 -21.81 -11.00
C MET A 482 27.60 -23.19 -11.26
N ALA A 483 27.07 -24.27 -10.67
CA ALA A 483 27.64 -25.63 -10.85
C ALA A 483 27.94 -25.88 -12.32
N GLY A 484 26.95 -25.69 -13.19
CA GLY A 484 27.09 -25.82 -14.65
C GLY A 484 27.70 -27.16 -15.07
N LYS A 485 28.79 -27.12 -15.84
CA LYS A 485 29.40 -28.33 -16.43
C LYS A 485 29.86 -29.29 -15.33
N ASP A 486 30.45 -28.75 -14.27
CA ASP A 486 30.95 -29.60 -13.15
C ASP A 486 29.78 -30.35 -12.55
N GLU A 487 29.97 -31.65 -12.33
CA GLU A 487 28.91 -32.53 -11.79
C GLU A 487 29.22 -32.91 -10.34
N ALA A 488 30.47 -32.75 -9.87
CA ALA A 488 30.80 -33.05 -8.46
C ALA A 488 30.01 -32.08 -7.58
N ARG A 489 29.96 -30.82 -8.00
CA ARG A 489 29.21 -29.79 -7.25
C ARG A 489 27.74 -30.18 -7.25
N LEU A 490 27.25 -30.68 -8.38
CA LEU A 490 25.83 -31.07 -8.49
C LEU A 490 25.55 -32.25 -7.55
N GLU A 491 26.48 -33.19 -7.42
CA GLU A 491 26.32 -34.34 -6.50
C GLU A 491 26.31 -33.83 -5.06
N LYS A 492 27.16 -32.87 -4.72
CA LYS A 492 27.13 -32.30 -3.34
C LYS A 492 25.77 -31.65 -3.12
N LEU A 493 25.25 -31.00 -4.16
CA LEU A 493 23.93 -30.35 -4.05
C LEU A 493 22.84 -31.41 -3.85
N ILE A 494 22.89 -32.54 -4.55
CA ILE A 494 21.84 -33.59 -4.32
C ILE A 494 22.01 -34.15 -2.91
N GLU A 495 23.24 -34.22 -2.40
CA GLU A 495 23.46 -34.67 -0.99
C GLU A 495 22.81 -33.70 -0.01
N CYS A 496 22.92 -32.38 -0.23
CA CYS A 496 22.28 -31.39 0.68
C CYS A 496 20.80 -31.19 0.33
N LYS A 497 20.36 -31.64 -0.85
CA LYS A 497 18.98 -31.38 -1.34
C LYS A 497 17.94 -31.44 -0.23
N PHE A 498 17.14 -30.40 -0.10
CA PHE A 498 16.09 -30.33 0.93
C PHE A 498 14.76 -30.01 0.24
N ASP A 499 13.67 -30.31 0.91
CA ASP A 499 12.32 -30.08 0.34
C ASP A 499 11.58 -29.08 1.23
N ILE A 500 10.69 -28.32 0.63
CA ILE A 500 9.85 -27.38 1.42
C ILE A 500 8.52 -28.09 1.62
N PRO A 501 8.19 -28.44 2.87
CA PRO A 501 6.94 -29.15 3.11
C PRO A 501 5.72 -28.32 2.77
N LYS A 502 4.68 -28.96 2.26
CA LYS A 502 3.45 -28.25 1.82
C LYS A 502 2.79 -27.59 3.03
N TRP A 503 2.84 -28.23 4.19
CA TRP A 503 2.25 -27.64 5.41
C TRP A 503 2.94 -26.32 5.76
N CYS A 504 4.25 -26.25 5.64
CA CYS A 504 4.95 -24.97 5.91
C CYS A 504 4.42 -23.98 4.87
N LYS A 505 3.87 -22.88 5.34
CA LYS A 505 3.32 -21.86 4.42
C LYS A 505 3.03 -20.57 5.20
N SER A 506 3.50 -19.46 4.65
CA SER A 506 3.45 -18.13 5.31
C SER A 506 2.01 -17.68 5.57
N VAL A 507 1.64 -17.54 6.83
CA VAL A 507 0.35 -16.92 7.19
C VAL A 507 0.79 -15.53 7.62
N PRO A 508 0.66 -14.52 6.74
CA PRO A 508 1.22 -13.19 7.04
C PRO A 508 0.43 -12.42 8.10
N LYS A 509 1.07 -11.45 8.74
CA LYS A 509 0.47 -10.70 9.86
C LYS A 509 -0.81 -10.00 9.37
N LEU A 510 -1.84 -9.98 10.18
CA LEU A 510 -3.13 -9.44 9.71
C LEU A 510 -3.42 -8.08 10.34
N VAL A 511 -3.88 -7.16 9.52
CA VAL A 511 -4.19 -5.78 9.98
C VAL A 511 -5.51 -5.78 10.74
N GLY A 512 -5.50 -5.22 11.94
CA GLY A 512 -6.72 -5.03 12.75
C GLY A 512 -7.50 -3.84 12.25
N ILE A 513 -8.79 -3.77 12.57
CA ILE A 513 -9.59 -2.54 12.31
C ILE A 513 -8.93 -1.37 13.05
N SER A 514 -8.60 -0.31 12.34
CA SER A 514 -7.99 0.88 12.96
C SER A 514 -8.51 2.16 12.29
N GLY A 515 -8.71 3.21 13.06
CA GLY A 515 -9.13 4.50 12.50
C GLY A 515 -8.99 5.68 13.44
N GLY A 516 -9.73 6.74 13.15
CA GLY A 516 -9.73 8.02 13.86
C GLY A 516 -8.68 8.84 13.19
N LEU A 517 -8.50 10.09 13.61
CA LEU A 517 -7.41 10.88 13.01
C LEU A 517 -6.35 11.13 14.07
N PRO A 518 -5.06 10.93 13.70
CA PRO A 518 -3.96 11.13 14.62
C PRO A 518 -3.97 12.52 15.22
N LYS A 519 -3.74 12.65 16.53
CA LYS A 519 -3.62 13.97 17.15
C LYS A 519 -2.18 14.46 16.98
N VAL A 520 -1.93 15.22 15.93
CA VAL A 520 -0.56 15.67 15.57
C VAL A 520 0.21 16.21 16.78
N GLU A 521 -0.24 17.21 17.52
CA GLU A 521 0.63 17.84 18.54
C GLU A 521 1.02 16.85 19.65
N GLU A 522 0.08 16.08 20.18
CA GLU A 522 0.35 15.10 21.24
C GLU A 522 1.35 14.07 20.69
N GLU A 523 1.12 13.62 19.47
CA GLU A 523 1.97 12.58 18.88
C GLU A 523 3.37 13.15 18.71
N ILE A 524 3.50 14.42 18.31
CA ILE A 524 4.84 15.04 18.09
C ILE A 524 5.55 15.14 19.43
N LYS A 525 4.86 15.52 20.50
CA LYS A 525 5.53 15.56 21.81
C LYS A 525 6.04 14.16 22.11
N VAL A 526 5.17 13.18 21.92
CA VAL A 526 5.53 11.78 22.27
C VAL A 526 6.78 11.42 21.48
N MET A 527 6.82 11.72 20.19
CA MET A 527 7.94 11.25 19.33
C MET A 527 9.22 12.03 19.65
N ASN A 528 9.16 13.29 20.01
CA ASN A 528 10.40 14.00 20.44
C ASN A 528 10.95 13.24 21.62
N ALA A 529 10.07 13.00 22.57
CA ALA A 529 10.50 12.37 23.83
C ALA A 529 11.15 11.04 23.43
N ALA A 530 10.48 10.28 22.58
CA ALA A 530 10.91 8.92 22.27
C ALA A 530 12.27 8.96 21.59
N PHE A 531 12.46 9.85 20.64
CA PHE A 531 13.73 9.92 19.87
C PHE A 531 14.85 10.22 20.87
N LYS A 532 14.61 11.18 21.74
CA LYS A 532 15.68 11.53 22.69
C LYS A 532 16.00 10.29 23.53
N ASP A 533 14.97 9.65 24.03
CA ASP A 533 15.16 8.50 24.94
C ASP A 533 15.94 7.42 24.21
N VAL A 534 15.53 7.08 23.01
CA VAL A 534 16.14 5.93 22.30
C VAL A 534 17.60 6.28 22.02
N ARG A 535 17.89 7.50 21.62
CA ARG A 535 19.29 7.87 21.28
C ARG A 535 20.15 7.72 22.54
N ALA A 536 19.63 8.23 23.66
CA ALA A 536 20.39 8.16 24.92
C ALA A 536 20.65 6.70 25.26
N ARG A 537 19.61 5.88 25.14
CA ARG A 537 19.71 4.47 25.52
C ARG A 537 20.75 3.79 24.62
N MET A 538 20.74 4.08 23.33
CA MET A 538 21.68 3.43 22.39
C MET A 538 23.10 3.78 22.81
N PHE A 539 23.33 5.05 23.12
CA PHE A 539 24.69 5.45 23.52
C PHE A 539 25.09 4.68 24.78
N VAL A 540 24.19 4.63 25.75
CA VAL A 540 24.49 3.97 27.04
C VAL A 540 24.81 2.50 26.79
N ARG A 541 24.03 1.83 25.94
CA ARG A 541 24.22 0.40 25.67
C ARG A 541 25.59 0.19 25.04
N PHE A 542 25.92 1.03 24.09
CA PHE A 542 27.22 0.88 23.39
C PHE A 542 28.32 1.00 24.45
N GLU A 543 28.16 1.98 25.32
CA GLU A 543 29.15 2.22 26.39
C GLU A 543 29.28 0.96 27.24
N GLU A 544 28.15 0.37 27.64
CA GLU A 544 28.15 -0.84 28.50
C GLU A 544 28.85 -2.00 27.79
N ILE A 545 28.57 -2.22 26.51
CA ILE A 545 29.19 -3.35 25.78
C ILE A 545 30.69 -3.12 25.81
N ALA A 546 31.11 -1.91 25.45
CA ALA A 546 32.56 -1.58 25.39
C ALA A 546 33.20 -1.88 26.75
N ALA A 547 32.52 -1.52 27.83
CA ALA A 547 33.06 -1.71 29.19
C ALA A 547 33.23 -3.20 29.50
N TYR A 548 32.27 -4.03 29.13
CA TYR A 548 32.35 -5.48 29.41
C TYR A 548 33.57 -6.08 28.70
N VAL A 549 33.78 -5.72 27.45
CA VAL A 549 34.91 -6.28 26.65
C VAL A 549 36.22 -5.80 27.29
N ALA A 550 36.25 -4.53 27.70
CA ALA A 550 37.45 -3.95 28.33
C ALA A 550 37.72 -4.64 29.67
N SER A 551 36.68 -4.94 30.45
CA SER A 551 36.84 -5.57 31.78
C SER A 551 37.50 -6.92 31.58
N LYS A 552 37.08 -7.65 30.55
CA LYS A 552 37.71 -8.97 30.25
C LYS A 552 39.16 -8.74 29.86
N GLY A 553 39.47 -7.64 29.18
CA GLY A 553 40.87 -7.25 28.93
C GLY A 553 41.31 -7.35 27.47
N ALA A 554 40.44 -7.73 26.54
CA ALA A 554 40.79 -7.65 25.11
C ALA A 554 40.01 -6.49 24.52
N GLY A 555 40.70 -5.59 23.83
CA GLY A 555 40.11 -4.35 23.29
C GLY A 555 39.46 -4.55 21.93
N MET A 556 38.25 -4.01 21.74
CA MET A 556 37.57 -4.03 20.42
C MET A 556 38.42 -3.24 19.42
N ASP A 557 38.67 -3.80 18.26
CA ASP A 557 39.43 -3.10 17.21
C ASP A 557 38.83 -3.57 15.90
N VAL A 558 38.23 -2.66 15.18
CA VAL A 558 37.50 -3.00 13.94
C VAL A 558 38.51 -3.63 12.99
N TYR A 559 39.67 -3.01 12.85
CA TYR A 559 40.66 -3.44 11.85
C TYR A 559 41.12 -4.86 12.17
N ASP A 560 41.43 -5.12 13.44
CA ASP A 560 41.91 -6.46 13.84
C ASP A 560 40.82 -7.48 13.53
N ALA A 561 39.59 -7.15 13.88
CA ALA A 561 38.48 -8.09 13.68
C ALA A 561 38.34 -8.39 12.19
N LEU A 562 38.44 -7.36 11.36
CA LEU A 562 38.27 -7.55 9.89
C LEU A 562 39.40 -8.40 9.35
N GLU A 563 40.62 -8.20 9.85
CA GLU A 563 41.78 -9.01 9.39
C GLU A 563 41.50 -10.47 9.76
N LYS A 564 41.01 -10.69 10.96
CA LYS A 564 40.72 -12.07 11.43
C LYS A 564 39.67 -12.68 10.51
N ARG A 565 38.65 -11.91 10.16
CA ARG A 565 37.56 -12.41 9.29
C ARG A 565 38.12 -12.78 7.92
N GLU A 566 39.01 -11.95 7.38
CA GLU A 566 39.60 -12.20 6.06
C GLU A 566 40.41 -13.49 6.15
N LEU A 567 41.15 -13.67 7.23
CA LEU A 567 41.96 -14.90 7.42
C LEU A 567 41.02 -16.11 7.42
N GLU A 568 39.91 -16.00 8.15
CA GLU A 568 38.94 -17.14 8.25
C GLU A 568 38.38 -17.43 6.86
N GLN A 569 38.07 -16.41 6.08
CA GLN A 569 37.48 -16.60 4.73
C GLN A 569 38.52 -17.29 3.84
N ILE A 570 39.79 -16.92 3.97
CA ILE A 570 40.87 -17.57 3.16
C ILE A 570 40.93 -19.04 3.58
N LYS A 571 40.85 -19.31 4.88
CA LYS A 571 40.98 -20.68 5.41
C LYS A 571 39.83 -21.56 4.92
N ALA A 581 43.87 -9.03 6.16
CA ALA A 581 45.01 -8.08 6.11
C ALA A 581 44.57 -6.75 6.69
N HIS A 582 45.52 -5.98 7.22
CA HIS A 582 45.24 -4.63 7.76
C HIS A 582 44.71 -3.78 6.61
N ILE A 583 45.31 -3.93 5.45
CA ILE A 583 44.93 -3.14 4.25
C ILE A 583 43.48 -3.45 3.97
N GLN A 584 43.15 -4.73 3.94
CA GLN A 584 41.78 -5.16 3.58
C GLN A 584 40.78 -4.65 4.62
N ALA A 585 41.14 -4.67 5.88
CA ALA A 585 40.25 -4.20 6.96
C ALA A 585 39.96 -2.72 6.73
N TYR A 586 41.01 -1.96 6.48
CA TYR A 586 40.86 -0.52 6.29
C TYR A 586 39.94 -0.32 5.09
N ARG A 587 40.15 -1.10 4.04
CA ARG A 587 39.35 -0.96 2.81
C ARG A 587 37.88 -1.22 3.11
N ALA A 588 37.57 -2.27 3.86
CA ALA A 588 36.16 -2.58 4.20
C ALA A 588 35.56 -1.44 5.03
N VAL A 589 36.30 -0.90 5.98
CA VAL A 589 35.74 0.20 6.82
C VAL A 589 35.40 1.35 5.88
N LEU A 590 36.35 1.66 5.00
CA LEU A 590 36.16 2.85 4.14
C LEU A 590 34.94 2.58 3.26
N HIS A 591 34.77 1.37 2.76
CA HIS A 591 33.62 1.00 1.90
C HIS A 591 32.30 1.15 2.63
N ARG A 592 32.19 0.72 3.86
CA ARG A 592 30.92 0.92 4.60
C ARG A 592 30.65 2.42 4.76
N ILE A 593 31.68 3.18 5.11
CA ILE A 593 31.48 4.63 5.30
C ILE A 593 30.99 5.21 3.98
N GLY A 594 31.60 4.77 2.90
CA GLY A 594 31.25 5.24 1.55
C GLY A 594 29.82 4.91 1.18
N ARG A 595 29.34 3.72 1.50
CA ARG A 595 27.94 3.35 1.22
C ARG A 595 26.99 4.24 2.02
N ALA A 596 27.29 4.54 3.28
CA ALA A 596 26.42 5.47 4.03
C ALA A 596 26.43 6.85 3.34
N VAL A 597 27.60 7.26 2.85
CA VAL A 597 27.65 8.59 2.19
C VAL A 597 26.93 8.55 0.83
N GLN A 598 26.92 7.43 0.12
CA GLN A 598 26.14 7.27 -1.13
C GLN A 598 24.67 7.48 -0.78
N ASN A 599 24.26 6.96 0.36
CA ASN A 599 22.87 7.08 0.82
C ASN A 599 22.55 8.53 1.24
N CYS A 600 23.56 9.37 1.42
CA CYS A 600 23.37 10.75 1.96
C CYS A 600 23.04 11.82 0.90
N SER A 601 22.79 13.06 1.35
CA SER A 601 22.44 14.21 0.48
C SER A 601 23.65 14.67 -0.31
N GLU A 602 23.45 15.50 -1.32
CA GLU A 602 24.56 16.00 -2.17
C GLU A 602 25.58 16.81 -1.36
N LYS A 603 25.15 17.68 -0.46
CA LYS A 603 26.10 18.48 0.35
C LYS A 603 26.93 17.56 1.25
N THR A 604 26.30 16.54 1.83
CA THR A 604 27.04 15.58 2.68
C THR A 604 28.04 14.84 1.80
N LYS A 605 27.62 14.45 0.61
CA LYS A 605 28.52 13.71 -0.28
C LYS A 605 29.71 14.60 -0.55
N GLN A 606 29.44 15.88 -0.75
CA GLN A 606 30.51 16.86 -1.07
C GLN A 606 31.48 16.95 0.10
N LEU A 607 30.97 17.06 1.32
CA LEU A 607 31.86 17.15 2.49
C LEU A 607 32.74 15.91 2.49
N PHE A 608 32.12 14.75 2.33
CA PHE A 608 32.88 13.50 2.45
C PHE A 608 33.97 13.48 1.40
N SER A 609 33.62 13.84 0.17
CA SER A 609 34.57 13.77 -0.96
C SER A 609 35.72 14.72 -0.67
N SER A 610 35.42 15.94 -0.22
CA SER A 610 36.47 16.95 0.01
C SER A 610 37.41 16.39 1.08
N LYS A 611 36.85 15.83 2.13
CA LYS A 611 37.70 15.35 3.24
C LYS A 611 38.59 14.20 2.75
N VAL A 612 38.03 13.30 1.96
CA VAL A 612 38.84 12.15 1.46
C VAL A 612 39.92 12.66 0.49
N ILE A 613 39.64 13.66 -0.31
CA ILE A 613 40.68 14.24 -1.24
C ILE A 613 41.78 14.89 -0.38
N GLU A 614 41.40 15.58 0.69
CA GLU A 614 42.39 16.23 1.57
C GLU A 614 43.28 15.12 2.13
N MET A 615 42.69 13.99 2.48
CA MET A 615 43.48 12.86 3.01
C MET A 615 44.32 12.23 1.89
N GLY A 616 43.81 12.20 0.67
CA GLY A 616 44.56 11.70 -0.49
C GLY A 616 44.68 10.19 -0.52
N VAL A 617 43.90 9.48 0.28
CA VAL A 617 43.94 7.99 0.32
C VAL A 617 43.66 7.44 -1.08
N PHE A 618 42.64 7.94 -1.76
CA PHE A 618 42.28 7.45 -3.11
C PHE A 618 43.38 7.81 -4.11
N LYS A 619 43.73 6.87 -4.96
CA LYS A 619 44.73 7.11 -6.01
C LYS A 619 44.19 8.20 -6.93
N ASN A 620 42.93 8.07 -7.30
CA ASN A 620 42.26 9.07 -8.17
C ASN A 620 41.10 9.63 -7.39
N PRO A 621 41.09 10.95 -7.06
CA PRO A 621 39.98 11.48 -6.29
C PRO A 621 38.73 11.30 -7.14
N SER A 622 38.93 11.18 -8.45
CA SER A 622 37.81 11.02 -9.40
C SER A 622 37.02 9.76 -9.03
N HIS A 623 37.74 8.69 -8.74
CA HIS A 623 37.07 7.42 -8.44
C HIS A 623 36.21 7.62 -7.19
N LEU A 624 36.77 8.29 -6.20
CA LEU A 624 36.05 8.50 -4.92
C LEU A 624 34.80 9.32 -5.21
N ASN A 625 34.99 10.36 -6.02
CA ASN A 625 33.87 11.29 -6.31
C ASN A 625 32.78 10.46 -6.94
N ASN A 626 33.10 9.71 -7.98
CA ASN A 626 32.14 8.86 -8.69
C ASN A 626 31.43 7.92 -7.71
N PHE A 627 32.17 7.28 -6.84
CA PHE A 627 31.61 6.28 -5.91
C PHE A 627 30.60 6.95 -4.98
N ILE A 628 30.94 8.09 -4.39
CA ILE A 628 29.94 8.70 -3.48
C ILE A 628 28.81 9.43 -4.21
N PHE A 629 29.05 10.13 -5.31
CA PHE A 629 28.00 10.96 -5.97
C PHE A 629 27.19 10.12 -6.95
N ASN A 630 27.91 9.43 -7.85
CA ASN A 630 27.24 8.64 -8.92
C ASN A 630 26.83 7.29 -8.36
N GLN A 631 27.07 7.03 -7.07
CA GLN A 631 26.64 5.75 -6.41
C GLN A 631 27.08 4.55 -7.26
N LYS A 632 28.29 4.58 -7.81
CA LYS A 632 28.77 3.50 -8.72
C LYS A 632 30.22 3.16 -8.42
N GLY A 633 30.53 1.86 -8.29
CA GLY A 633 31.89 1.37 -7.99
C GLY A 633 31.96 0.72 -6.62
N ALA A 634 33.12 0.20 -6.25
CA ALA A 634 33.36 -0.42 -4.93
C ALA A 634 34.82 -0.29 -4.56
N ILE A 635 35.11 0.05 -3.30
CA ILE A 635 36.51 0.27 -2.83
C ILE A 635 37.03 -1.05 -2.29
N TYR A 636 36.15 -1.97 -1.93
CA TYR A 636 36.54 -3.26 -1.32
C TYR A 636 35.72 -4.38 -1.96
N ARG A 637 36.40 -5.42 -2.43
CA ARG A 637 35.72 -6.61 -2.99
C ARG A 637 35.88 -7.74 -2.00
N SER A 638 34.82 -8.50 -1.76
CA SER A 638 34.84 -9.61 -0.79
C SER A 638 34.88 -10.95 -1.54
N PRO A 639 36.03 -11.66 -1.49
CA PRO A 639 36.13 -13.01 -2.07
C PRO A 639 35.22 -14.04 -1.36
N HIS A 645 35.51 -7.75 -11.63
CA HIS A 645 35.17 -6.97 -10.42
C HIS A 645 36.44 -6.57 -9.65
N ALA A 646 36.94 -5.37 -9.87
CA ALA A 646 38.17 -4.90 -9.22
C ALA A 646 37.88 -3.74 -8.28
N PRO A 647 38.36 -3.83 -7.01
CA PRO A 647 38.23 -2.72 -6.06
C PRO A 647 39.11 -1.52 -6.44
N TYR A 648 38.70 -0.32 -6.02
CA TYR A 648 39.44 0.92 -6.37
C TYR A 648 40.86 0.89 -5.81
N GLN A 649 41.81 1.35 -6.59
CA GLN A 649 43.24 1.38 -6.19
C GLN A 649 43.45 2.46 -5.12
N LEU A 650 44.23 2.18 -4.09
CA LEU A 650 44.44 3.15 -2.99
C LEU A 650 45.90 3.27 -2.59
N HIS A 651 46.29 4.46 -2.14
CA HIS A 651 47.65 4.67 -1.57
C HIS A 651 47.70 3.97 -0.23
N ALA A 652 48.33 2.81 -0.16
CA ALA A 652 48.31 1.96 1.06
C ALA A 652 48.84 2.74 2.27
N ASP A 653 49.96 3.45 2.15
CA ASP A 653 50.54 4.12 3.35
C ASP A 653 49.55 5.14 3.88
N LYS A 654 48.97 5.93 2.99
CA LYS A 654 48.06 7.02 3.39
C LYS A 654 46.83 6.38 4.03
N LEU A 655 46.38 5.26 3.47
CA LEU A 655 45.20 4.53 4.03
C LEU A 655 45.54 4.09 5.45
N LEU A 656 46.67 3.45 5.66
CA LEU A 656 46.98 2.94 7.02
C LEU A 656 47.04 4.13 7.95
N LYS A 657 47.54 5.25 7.45
CA LYS A 657 47.63 6.49 8.27
C LYS A 657 46.28 7.10 8.68
N ASN A 658 45.30 7.21 7.79
CA ASN A 658 44.07 7.97 8.17
C ASN A 658 43.06 7.04 8.83
N ASP A 659 42.70 7.35 10.08
CA ASP A 659 41.62 6.61 10.78
C ASP A 659 40.31 7.01 10.13
N TRP A 660 39.34 6.11 10.03
CA TRP A 660 38.07 6.44 9.36
C TRP A 660 36.98 6.82 10.35
N LEU A 661 37.00 6.28 11.55
CA LEU A 661 35.95 6.56 12.56
C LEU A 661 35.98 8.05 12.94
N GLU A 662 37.16 8.61 13.13
CA GLU A 662 37.31 10.04 13.49
C GLU A 662 36.77 10.88 12.35
N LEU A 663 37.06 10.49 11.12
CA LEU A 663 36.60 11.24 9.92
C LEU A 663 35.07 11.24 9.95
N LEU A 664 34.49 10.09 10.24
CA LEU A 664 33.03 9.97 10.25
C LEU A 664 32.45 10.87 11.34
N ALA A 665 33.09 10.88 12.50
CA ALA A 665 32.60 11.69 13.63
C ALA A 665 32.62 13.17 13.23
N GLU A 666 33.71 13.59 12.59
CA GLU A 666 33.85 15.00 12.19
C GLU A 666 32.76 15.35 11.19
N ILE A 667 32.51 14.47 10.22
CA ILE A 667 31.48 14.77 9.18
C ILE A 667 30.14 14.92 9.91
N SER A 668 29.86 14.03 10.85
CA SER A 668 28.56 14.05 11.58
C SER A 668 28.44 15.41 12.28
N ALA A 669 29.50 15.83 12.96
CA ALA A 669 29.48 17.09 13.73
C ALA A 669 29.20 18.26 12.78
N THR A 670 29.88 18.29 11.62
CA THR A 670 29.70 19.40 10.66
C THR A 670 28.27 19.40 10.13
N LEU A 671 27.71 18.22 9.85
CA LEU A 671 26.33 18.16 9.33
C LEU A 671 25.36 18.65 10.40
N MET A 672 25.59 18.31 11.66
CA MET A 672 24.70 18.78 12.74
C MET A 672 24.82 20.32 12.83
N ALA A 673 26.02 20.84 12.65
CA ALA A 673 26.22 22.32 12.67
C ALA A 673 25.44 22.95 11.52
N SER A 674 25.44 22.34 10.34
CA SER A 674 24.67 22.85 9.17
C SER A 674 23.22 23.12 9.59
N GLU A 675 22.69 22.39 10.57
CA GLU A 675 21.33 22.62 11.13
C GLU A 675 20.29 22.74 9.99
N SER A 676 20.47 22.00 8.91
CA SER A 676 19.49 21.84 7.82
C SER A 676 18.98 20.43 8.03
N THR A 677 17.73 20.15 7.80
CA THR A 677 17.18 18.83 8.24
C THR A 677 17.74 17.67 7.41
N GLU A 678 17.95 17.85 6.12
CA GLU A 678 18.55 16.77 5.30
C GLU A 678 19.93 16.43 5.88
N GLN A 679 20.69 17.48 6.19
CA GLN A 679 22.05 17.33 6.73
C GLN A 679 22.00 16.68 8.11
N MET A 680 20.99 17.01 8.92
CA MET A 680 20.84 16.40 10.27
C MET A 680 20.56 14.90 10.10
N GLU A 681 19.72 14.55 9.14
CA GLU A 681 19.38 13.14 8.90
C GLU A 681 20.66 12.41 8.51
N ASP A 682 21.44 13.04 7.65
CA ASP A 682 22.70 12.40 7.19
C ASP A 682 23.66 12.22 8.36
N ALA A 683 23.72 13.19 9.25
CA ALA A 683 24.58 13.11 10.45
C ALA A 683 24.14 11.90 11.27
N LEU A 684 22.84 11.76 11.46
CA LEU A 684 22.31 10.66 12.29
C LEU A 684 22.71 9.33 11.62
N ARG A 685 22.57 9.25 10.32
CA ARG A 685 22.89 8.01 9.60
C ARG A 685 24.37 7.68 9.81
N LEU A 686 25.23 8.68 9.67
CA LEU A 686 26.69 8.44 9.78
C LEU A 686 27.05 8.02 11.19
N GLU A 687 26.41 8.61 12.19
CA GLU A 687 26.68 8.22 13.59
C GLU A 687 26.30 6.75 13.77
N ARG A 688 25.15 6.39 13.24
CA ARG A 688 24.69 4.98 13.35
C ARG A 688 25.75 4.10 12.70
N THR A 689 26.24 4.48 11.52
CA THR A 689 27.24 3.67 10.78
C THR A 689 28.51 3.51 11.63
N ARG A 690 28.96 4.57 12.26
CA ARG A 690 30.18 4.52 13.08
C ARG A 690 29.94 3.54 14.23
N LEU A 691 28.80 3.66 14.90
CA LEU A 691 28.53 2.77 16.06
C LEU A 691 28.53 1.33 15.57
N GLN A 692 27.93 1.10 14.41
CA GLN A 692 27.83 -0.26 13.86
C GLN A 692 29.23 -0.80 13.61
N LEU A 693 30.12 -0.03 13.00
CA LEU A 693 31.51 -0.51 12.73
C LEU A 693 32.24 -0.82 14.04
N GLN A 694 32.12 0.06 15.02
CA GLN A 694 32.80 -0.20 16.30
C GLN A 694 32.30 -1.54 16.86
N LEU A 695 30.98 -1.78 16.84
CA LEU A 695 30.43 -3.05 17.35
C LEU A 695 30.90 -4.22 16.50
N SER A 696 31.09 -4.03 15.19
CA SER A 696 31.53 -5.12 14.29
C SER A 696 32.92 -5.59 14.75
N GLY A 697 33.66 -4.71 15.41
CA GLY A 697 35.00 -5.04 15.93
C GLY A 697 34.98 -6.04 17.07
N LEU A 698 33.83 -6.35 17.65
CA LEU A 698 33.73 -7.27 18.83
C LEU A 698 34.44 -8.60 18.53
N PRO A 699 35.21 -9.13 19.49
CA PRO A 699 35.82 -10.46 19.36
C PRO A 699 34.81 -11.61 19.44
N ASP A 700 35.18 -12.80 18.96
CA ASP A 700 34.26 -13.97 18.95
C ASP A 700 34.16 -14.54 20.37
N TRP A 701 33.25 -14.01 21.18
CA TRP A 701 33.10 -14.42 22.61
C TRP A 701 31.66 -14.86 22.88
N GLU A 702 31.36 -15.26 24.12
CA GLU A 702 29.98 -15.47 24.61
C GLU A 702 29.59 -14.21 25.39
N TYR A 703 28.42 -13.64 25.13
CA TYR A 703 28.03 -12.35 25.76
C TYR A 703 26.80 -12.54 26.63
N PRO A 704 26.75 -12.04 27.88
CA PRO A 704 25.53 -12.21 28.68
C PRO A 704 24.25 -11.63 28.06
N ALA A 705 23.11 -12.12 28.52
CA ALA A 705 21.77 -11.70 28.05
C ALA A 705 21.57 -10.21 28.28
N SER A 706 22.12 -9.69 29.38
CA SER A 706 21.91 -8.28 29.80
C SER A 706 22.25 -7.34 28.64
N LEU A 707 23.43 -7.50 28.06
CA LEU A 707 23.89 -6.61 26.98
C LEU A 707 22.96 -6.81 25.78
N ALA A 708 22.56 -8.05 25.52
CA ALA A 708 21.83 -8.42 24.29
C ALA A 708 20.37 -7.93 24.23
N LYS A 709 19.55 -7.96 25.29
CA LYS A 709 18.08 -7.75 25.15
C LYS A 709 17.68 -6.28 25.08
N PRO A 710 17.10 -5.83 23.94
CA PRO A 710 16.81 -4.40 23.77
C PRO A 710 15.84 -3.79 24.80
N ASP A 711 16.17 -2.60 25.28
CA ASP A 711 15.35 -1.89 26.30
C ASP A 711 14.53 -0.79 25.65
N ILE A 712 14.37 -0.84 24.35
CA ILE A 712 13.79 0.29 23.57
C ILE A 712 12.32 0.03 23.29
N GLU A 713 11.73 -1.04 23.82
CA GLU A 713 10.31 -1.40 23.54
C GLU A 713 10.08 -1.57 22.03
N VAL A 714 10.97 -2.28 21.36
CA VAL A 714 10.82 -2.58 19.91
C VAL A 714 10.28 -4.00 19.76
N GLU A 715 9.44 -4.23 18.75
CA GLU A 715 8.96 -5.61 18.45
C GLU A 715 10.12 -6.42 17.86
N ILE A 716 10.28 -7.67 18.27
CA ILE A 716 11.43 -8.53 17.83
C ILE A 716 10.92 -9.73 17.04
N GLN A 717 11.60 -10.05 15.94
CA GLN A 717 11.29 -11.23 15.12
C GLN A 717 11.51 -12.52 15.92
N THR A 718 10.89 -13.59 15.49
CA THR A 718 10.94 -14.89 16.21
C THR A 718 12.39 -15.36 16.33
N ALA A 719 13.17 -15.32 15.26
CA ALA A 719 14.54 -15.88 15.28
C ALA A 719 15.34 -15.15 16.35
N LEU A 720 15.28 -13.83 16.35
CA LEU A 720 16.07 -13.02 17.30
C LEU A 720 15.58 -13.31 18.71
N LYS A 721 14.27 -13.45 18.90
CA LYS A 721 13.71 -13.75 20.24
C LYS A 721 14.27 -15.10 20.74
N MET A 722 14.31 -16.10 19.87
CA MET A 722 14.82 -17.44 20.26
C MET A 722 16.31 -17.33 20.61
N GLN A 723 17.07 -16.57 19.84
CA GLN A 723 18.52 -16.36 20.14
C GLN A 723 18.65 -15.65 21.48
N LEU A 724 17.79 -14.67 21.71
CA LEU A 724 17.88 -13.85 22.93
C LEU A 724 17.57 -14.68 24.16
N ALA A 725 16.66 -15.64 24.07
CA ALA A 725 16.24 -16.44 25.25
C ALA A 725 17.44 -17.16 25.85
N LYS A 726 18.35 -17.63 25.00
CA LYS A 726 19.57 -18.31 25.46
C LYS A 726 20.42 -17.34 26.29
N ASP A 727 20.97 -17.80 27.40
CA ASP A 727 21.75 -16.94 28.34
C ASP A 727 23.01 -16.37 27.66
N THR A 728 23.70 -17.15 26.84
CA THR A 728 24.95 -16.68 26.20
C THR A 728 24.67 -16.38 24.73
N VAL A 729 25.10 -15.21 24.27
CA VAL A 729 24.80 -14.78 22.88
C VAL A 729 26.11 -14.51 22.14
N THR A 730 26.10 -14.70 20.83
CA THR A 730 27.30 -14.43 19.99
C THR A 730 27.39 -12.96 19.54
N SER A 731 28.54 -12.63 18.95
CA SER A 731 28.82 -11.28 18.45
C SER A 731 27.73 -10.86 17.47
N ASP A 732 27.34 -11.77 16.59
CA ASP A 732 26.33 -11.45 15.54
C ASP A 732 24.97 -11.11 16.17
N VAL A 733 24.53 -11.84 17.16
CA VAL A 733 23.23 -11.53 17.82
C VAL A 733 23.35 -10.20 18.59
N LEU A 734 24.50 -9.91 19.21
CA LEU A 734 24.63 -8.58 19.87
C LEU A 734 24.52 -7.49 18.80
N GLN A 735 25.16 -7.73 17.64
CA GLN A 735 25.09 -6.79 16.50
C GLN A 735 23.63 -6.57 16.10
N ARG A 736 22.84 -7.65 16.06
CA ARG A 736 21.42 -7.56 15.66
C ARG A 736 20.61 -6.77 16.68
N ALA A 737 20.89 -6.92 17.96
CA ALA A 737 20.17 -6.07 18.95
C ALA A 737 20.57 -4.58 18.77
N PHE A 738 21.81 -4.34 18.43
CA PHE A 738 22.20 -2.94 18.15
C PHE A 738 21.46 -2.42 16.90
N ASN A 739 21.30 -3.28 15.90
CA ASN A 739 20.56 -2.91 14.67
C ASN A 739 19.10 -2.60 15.03
N LEU A 740 18.52 -3.33 15.97
CA LEU A 740 17.14 -3.02 16.44
C LEU A 740 17.09 -1.60 17.03
N TYR A 741 18.08 -1.27 17.83
CA TYR A 741 18.17 0.11 18.36
C TYR A 741 18.17 1.09 17.18
N SER A 742 19.01 0.77 16.20
CA SER A 742 19.19 1.64 15.03
C SER A 742 17.85 1.84 14.33
N SER A 743 17.07 0.77 14.13
CA SER A 743 15.76 0.82 13.42
C SER A 743 14.75 1.71 14.17
N VAL A 744 14.67 1.57 15.48
CA VAL A 744 13.72 2.45 16.19
C VAL A 744 14.17 3.88 15.95
N LEU A 745 15.49 4.11 16.07
CA LEU A 745 15.98 5.51 15.98
C LEU A 745 15.65 6.05 14.60
N SER A 746 15.81 5.23 13.56
CA SER A 746 15.53 5.65 12.16
C SER A 746 14.03 6.00 11.97
N GLY A 747 13.13 5.20 12.51
CA GLY A 747 11.71 5.58 12.38
C GLY A 747 11.46 6.92 13.04
N LEU A 748 12.02 7.10 14.22
CA LEU A 748 11.78 8.37 14.93
C LEU A 748 12.37 9.52 14.10
N THR A 749 13.51 9.30 13.44
CA THR A 749 14.16 10.32 12.59
C THR A 749 13.22 10.68 11.45
N PHE A 750 12.64 9.68 10.79
CA PHE A 750 11.70 9.98 9.68
C PHE A 750 10.57 10.86 10.24
N LYS A 751 10.06 10.48 11.40
CA LYS A 751 8.93 11.24 11.97
C LYS A 751 9.32 12.69 12.30
N LEU A 752 10.56 12.95 12.75
CA LEU A 752 10.97 14.32 13.15
C LEU A 752 11.58 15.16 12.02
N LEU A 753 11.98 14.52 10.93
CA LEU A 753 12.61 15.21 9.79
C LEU A 753 11.55 15.86 8.90
N ARG A 754 10.35 15.30 8.85
CA ARG A 754 9.31 15.73 7.88
C ARG A 754 8.94 17.20 8.14
N ARG A 755 8.79 17.95 7.05
CA ARG A 755 8.36 19.37 7.15
C ARG A 755 6.88 19.50 6.85
N SER A 756 6.28 18.53 6.17
CA SER A 756 4.88 18.68 5.73
C SER A 756 4.05 17.40 5.82
N PHE A 757 2.80 17.52 6.27
CA PHE A 757 1.86 16.39 6.23
C PHE A 757 0.44 16.94 6.37
N SER A 758 -0.56 16.07 6.20
CA SER A 758 -1.97 16.47 6.27
C SER A 758 -2.80 15.49 7.08
N LEU A 759 -3.80 16.01 7.74
CA LEU A 759 -4.78 15.17 8.43
C LEU A 759 -6.02 15.15 7.56
N LYS A 760 -6.39 13.97 7.07
CA LYS A 760 -7.50 13.88 6.12
C LYS A 760 -8.70 13.19 6.72
N MET A 761 -9.86 13.79 6.61
CA MET A 761 -11.10 13.16 7.03
C MET A 761 -11.98 12.92 5.79
N ARG A 762 -12.36 11.68 5.55
CA ARG A 762 -13.31 11.33 4.47
C ARG A 762 -14.69 11.04 5.05
N PHE A 763 -15.72 11.71 4.54
CA PHE A 763 -17.10 11.44 4.94
C PHE A 763 -17.91 11.01 3.73
N SER A 764 -18.60 9.89 3.80
CA SER A 764 -19.47 9.40 2.70
C SER A 764 -20.86 9.10 3.24
N VAL A 765 -21.89 9.60 2.58
CA VAL A 765 -23.29 9.31 3.03
C VAL A 765 -23.94 8.30 2.08
N ALA A 766 -25.10 7.76 2.47
CA ALA A 766 -25.85 6.78 1.64
C ALA A 766 -26.74 7.50 0.63
N ASP A 767 -26.93 8.81 0.77
CA ASP A 767 -27.84 9.59 -0.09
C ASP A 767 -27.25 9.76 -1.49
N THR A 768 -28.11 9.93 -2.49
CA THR A 768 -27.69 10.16 -3.90
C THR A 768 -27.05 11.55 -4.04
N THR A 769 -26.02 11.65 -4.89
CA THR A 769 -25.30 12.92 -5.14
C THR A 769 -26.21 13.97 -5.79
N GLN A 770 -26.36 15.13 -5.19
CA GLN A 770 -27.03 16.25 -5.84
C GLN A 770 -25.98 17.29 -6.27
N LEU A 771 -25.83 17.50 -7.57
CA LEU A 771 -25.03 18.65 -8.06
C LEU A 771 -25.96 19.82 -8.30
N ILE A 772 -25.43 21.03 -8.25
CA ILE A 772 -26.23 22.23 -8.60
C ILE A 772 -25.78 22.77 -9.94
N TYR A 773 -26.69 22.86 -10.89
CA TYR A 773 -26.38 23.43 -12.22
C TYR A 773 -26.74 24.90 -12.09
N VAL A 774 -25.73 25.74 -12.22
CA VAL A 774 -25.96 27.21 -12.09
C VAL A 774 -25.71 27.79 -13.45
N PRO A 775 -26.72 28.43 -14.11
CA PRO A 775 -26.40 29.04 -15.39
C PRO A 775 -25.62 30.34 -15.20
N LYS A 776 -24.62 30.55 -16.07
CA LYS A 776 -23.79 31.77 -16.03
C LYS A 776 -24.65 33.01 -16.31
N VAL A 777 -24.34 34.10 -15.62
CA VAL A 777 -25.02 35.40 -15.85
C VAL A 777 -24.24 36.09 -16.95
N CYS A 778 -24.77 36.04 -18.16
CA CYS A 778 -24.10 36.58 -19.35
C CYS A 778 -25.15 36.60 -20.45
N ASP A 779 -24.75 37.04 -21.62
CA ASP A 779 -25.64 36.98 -22.80
C ASP A 779 -25.06 35.92 -23.73
N TRP A 780 -25.87 34.97 -24.15
CA TRP A 780 -25.37 33.89 -25.03
C TRP A 780 -25.94 34.02 -26.43
N ALA A 781 -25.08 34.06 -27.43
CA ALA A 781 -25.51 34.00 -28.82
C ALA A 781 -25.48 32.54 -29.22
N ILE A 782 -26.63 31.89 -29.25
CA ILE A 782 -26.70 30.45 -29.63
C ILE A 782 -26.25 30.34 -31.07
N PRO A 783 -25.51 29.31 -31.50
CA PRO A 783 -25.28 29.18 -32.95
C PRO A 783 -26.49 28.95 -33.93
N LYS A 784 -26.38 29.54 -35.11
CA LYS A 784 -27.39 29.38 -36.19
C LYS A 784 -27.32 27.97 -36.78
N GLN A 785 -26.16 27.37 -36.73
CA GLN A 785 -26.03 25.96 -37.13
C GLN A 785 -26.85 25.11 -36.16
N TYR A 786 -26.81 25.43 -34.87
CA TYR A 786 -27.65 24.75 -33.86
C TYR A 786 -29.09 24.94 -34.31
N LEU A 787 -29.41 26.14 -34.80
CA LEU A 787 -30.81 26.52 -35.15
C LEU A 787 -31.41 25.58 -36.23
N GLN A 788 -30.62 25.15 -37.19
CA GLN A 788 -31.14 24.31 -38.31
C GLN A 788 -30.98 22.81 -38.06
N ALA A 789 -30.35 22.39 -36.98
CA ALA A 789 -30.12 20.95 -36.70
C ALA A 789 -31.43 20.26 -36.32
N GLU A 790 -31.53 18.96 -36.57
CA GLU A 790 -32.74 18.19 -36.20
C GLU A 790 -32.62 17.53 -34.82
N GLY A 791 -31.49 17.72 -34.13
CA GLY A 791 -31.27 17.13 -32.79
C GLY A 791 -32.06 17.80 -31.69
N GLU A 792 -31.85 17.36 -30.45
CA GLU A 792 -32.51 17.98 -29.28
C GLU A 792 -32.00 19.41 -29.19
N ILE A 793 -30.72 19.61 -29.45
CA ILE A 793 -30.12 20.97 -29.39
C ILE A 793 -30.83 21.83 -30.42
N GLY A 794 -31.05 21.30 -31.62
CA GLY A 794 -31.75 22.03 -32.69
C GLY A 794 -33.16 22.42 -32.27
N ILE A 795 -33.88 21.49 -31.67
CA ILE A 795 -35.27 21.77 -31.23
C ILE A 795 -35.24 22.89 -30.20
N ALA A 796 -34.30 22.80 -29.27
CA ALA A 796 -34.19 23.80 -28.19
C ALA A 796 -33.87 25.17 -28.80
N ALA A 797 -32.97 25.21 -29.78
CA ALA A 797 -32.56 26.47 -30.42
C ALA A 797 -33.79 27.08 -31.08
N ARG A 798 -34.63 26.24 -31.69
CA ARG A 798 -35.84 26.76 -32.37
C ARG A 798 -36.77 27.46 -31.37
N VAL A 799 -37.08 26.82 -30.23
CA VAL A 799 -38.10 27.38 -29.29
C VAL A 799 -37.61 28.65 -28.57
N VAL A 800 -36.31 28.78 -28.26
CA VAL A 800 -35.81 29.90 -27.40
C VAL A 800 -35.99 31.28 -28.04
N THR A 801 -36.53 32.22 -27.28
CA THR A 801 -36.62 33.64 -27.70
C THR A 801 -35.82 34.50 -26.72
N GLU A 802 -35.48 33.93 -25.58
CA GLU A 802 -34.84 34.67 -24.47
C GLU A 802 -33.36 34.94 -24.78
N SER A 803 -32.77 35.94 -24.13
CA SER A 803 -31.35 36.31 -24.35
C SER A 803 -30.44 35.94 -23.17
N SER A 804 -30.98 35.57 -22.02
CA SER A 804 -30.14 35.27 -20.83
C SER A 804 -30.19 33.77 -20.64
N PRO A 805 -29.08 33.05 -20.35
CA PRO A 805 -29.14 31.59 -20.23
C PRO A 805 -30.14 30.96 -19.24
N ALA A 806 -30.37 31.50 -18.06
CA ALA A 806 -31.40 30.95 -17.14
C ALA A 806 -32.78 31.04 -17.79
N LYS A 807 -33.09 32.20 -18.37
CA LYS A 807 -34.39 32.39 -19.06
C LYS A 807 -34.49 31.36 -20.18
N MET A 808 -33.42 31.17 -20.93
CA MET A 808 -33.44 30.24 -22.09
C MET A 808 -33.75 28.82 -21.63
N VAL A 809 -33.11 28.36 -20.56
CA VAL A 809 -33.33 26.95 -20.12
C VAL A 809 -34.77 26.85 -19.63
N THR A 810 -35.31 27.86 -18.95
CA THR A 810 -36.72 27.82 -18.49
C THR A 810 -37.63 27.69 -19.73
N GLU A 811 -37.32 28.45 -20.77
CA GLU A 811 -38.10 28.41 -22.02
C GLU A 811 -38.07 26.99 -22.60
N VAL A 812 -36.89 26.39 -22.69
CA VAL A 812 -36.80 25.02 -23.28
C VAL A 812 -37.60 24.06 -22.38
N GLU A 813 -37.52 24.23 -21.07
CA GLU A 813 -38.23 23.36 -20.13
C GLU A 813 -39.73 23.44 -20.41
N MET A 814 -40.23 24.66 -20.58
CA MET A 814 -41.67 24.87 -20.84
C MET A 814 -42.05 24.28 -22.20
N LYS A 815 -41.23 24.41 -23.24
CA LYS A 815 -41.70 24.08 -24.61
C LYS A 815 -41.25 22.69 -25.10
N GLU A 816 -39.98 22.36 -24.97
CA GLU A 816 -39.45 21.05 -25.42
C GLU A 816 -38.79 20.38 -24.22
N PRO A 817 -39.56 19.68 -23.36
CA PRO A 817 -39.00 19.11 -22.14
C PRO A 817 -37.86 18.12 -22.37
N LYS A 818 -37.99 17.31 -23.40
CA LYS A 818 -36.94 16.31 -23.76
C LYS A 818 -35.66 17.03 -24.17
N ALA A 819 -35.74 18.16 -24.84
CA ALA A 819 -34.54 18.87 -25.35
C ALA A 819 -33.76 19.57 -24.22
N LEU A 820 -34.29 19.61 -23.00
CA LEU A 820 -33.64 20.33 -21.87
C LEU A 820 -32.21 19.86 -21.74
N GLY A 821 -31.97 18.56 -21.60
CA GLY A 821 -30.62 18.03 -21.27
C GLY A 821 -29.54 18.54 -22.21
N HIS A 822 -29.73 18.37 -23.50
CA HIS A 822 -28.68 18.74 -24.51
C HIS A 822 -28.49 20.26 -24.52
N PHE A 823 -29.59 20.98 -24.39
CA PHE A 823 -29.49 22.45 -24.37
C PHE A 823 -28.67 22.85 -23.16
N MET A 824 -28.93 22.22 -22.02
CA MET A 824 -28.23 22.56 -20.76
C MET A 824 -26.75 22.21 -20.90
N GLN A 825 -26.45 21.10 -21.52
CA GLN A 825 -25.05 20.70 -21.67
C GLN A 825 -24.33 21.79 -22.46
N GLN A 826 -24.99 22.29 -23.50
CA GLN A 826 -24.31 23.27 -24.38
C GLN A 826 -24.34 24.69 -23.84
N ALA A 827 -25.27 25.04 -22.96
CA ALA A 827 -25.43 26.44 -22.52
C ALA A 827 -24.33 26.85 -21.55
N PRO A 828 -24.12 28.17 -21.33
CA PRO A 828 -23.23 28.61 -20.26
C PRO A 828 -23.69 28.13 -18.88
N HIS A 829 -22.81 27.45 -18.15
CA HIS A 829 -23.15 26.94 -16.80
C HIS A 829 -21.94 26.68 -15.91
N ASP A 830 -22.19 26.62 -14.62
CA ASP A 830 -21.15 26.27 -13.62
C ASP A 830 -21.69 25.18 -12.73
N TRP A 831 -20.82 24.35 -12.20
CA TRP A 831 -21.22 23.27 -11.26
C TRP A 831 -20.90 23.66 -9.81
N TYR A 832 -21.84 23.54 -8.94
CA TYR A 832 -21.66 23.85 -7.51
C TYR A 832 -22.02 22.64 -6.64
N PHE A 833 -21.50 22.58 -5.42
CA PHE A 833 -21.81 21.49 -4.45
C PHE A 833 -22.08 22.11 -3.13
N ASP A 834 -23.19 21.75 -2.48
CA ASP A 834 -23.55 22.43 -1.21
C ASP A 834 -22.53 22.15 -0.10
N ALA A 835 -22.18 20.88 0.14
CA ALA A 835 -21.17 20.47 1.16
C ALA A 835 -21.59 20.84 2.60
N SER A 836 -22.77 21.42 2.81
CA SER A 836 -23.29 21.82 4.13
C SER A 836 -22.27 22.66 4.90
N LEU A 837 -21.54 23.54 4.20
CA LEU A 837 -20.54 24.41 4.87
C LEU A 837 -20.78 25.89 4.52
N GLY A 838 -21.99 26.26 4.12
CA GLY A 838 -22.25 27.60 3.56
C GLY A 838 -21.67 27.71 2.16
N GLY A 839 -21.37 28.92 1.71
CA GLY A 839 -20.82 29.17 0.36
C GLY A 839 -21.61 30.24 -0.39
N THR A 840 -21.36 30.33 -1.69
CA THR A 840 -22.04 31.31 -2.56
C THR A 840 -23.53 31.02 -2.67
N GLN A 841 -24.37 32.04 -2.52
CA GLN A 841 -25.82 31.87 -2.79
C GLN A 841 -26.00 31.97 -4.31
N VAL A 842 -26.62 30.98 -4.91
CA VAL A 842 -26.72 30.93 -6.40
C VAL A 842 -28.16 30.58 -6.81
N ALA A 843 -28.52 30.98 -8.02
CA ALA A 843 -29.81 30.57 -8.64
C ALA A 843 -29.52 29.33 -9.47
N GLY A 844 -29.82 28.16 -8.92
CA GLY A 844 -29.45 26.92 -9.63
C GLY A 844 -30.53 25.87 -9.54
N ARG A 845 -30.42 24.86 -10.39
CA ARG A 845 -31.40 23.76 -10.41
C ARG A 845 -30.64 22.49 -10.13
N ILE A 846 -31.16 21.68 -9.21
CA ILE A 846 -30.45 20.44 -8.79
C ILE A 846 -30.42 19.38 -9.90
N VAL A 847 -29.28 18.77 -10.09
CA VAL A 847 -29.16 17.60 -11.01
C VAL A 847 -28.93 16.37 -10.17
N GLU A 848 -29.83 15.41 -10.24
CA GLU A 848 -29.77 14.19 -9.39
C GLU A 848 -30.07 12.98 -10.25
N LYS A 849 -29.51 11.84 -9.90
CA LYS A 849 -29.67 10.58 -10.68
C LYS A 849 -31.13 10.14 -10.60
N GLY A 850 -31.68 9.72 -11.74
CA GLY A 850 -33.08 9.28 -11.82
C GLY A 850 -34.04 10.45 -11.88
N LYS A 851 -33.98 11.38 -10.92
CA LYS A 851 -34.91 12.52 -10.87
C LYS A 851 -34.68 13.48 -12.05
N GLU A 852 -35.75 14.09 -12.54
CA GLU A 852 -35.65 15.10 -13.64
C GLU A 852 -35.06 16.39 -13.10
N VAL A 853 -34.48 17.19 -13.97
CA VAL A 853 -33.77 18.44 -13.56
C VAL A 853 -34.77 19.36 -12.88
N GLY A 854 -34.39 19.92 -11.74
CA GLY A 854 -35.33 20.68 -10.89
C GLY A 854 -35.67 22.06 -11.44
N LYS A 855 -36.58 22.75 -10.77
CA LYS A 855 -36.89 24.15 -11.10
C LYS A 855 -35.82 25.01 -10.44
N GLU A 856 -35.59 26.19 -10.99
CA GLU A 856 -34.55 27.11 -10.49
C GLU A 856 -34.90 27.48 -9.05
N ARG A 857 -33.93 27.43 -8.16
CA ARG A 857 -34.17 27.69 -6.73
C ARG A 857 -32.97 28.42 -6.17
N LYS A 858 -33.17 29.15 -5.08
CA LYS A 858 -32.05 29.82 -4.39
C LYS A 858 -31.34 28.80 -3.51
N LEU A 859 -30.13 28.40 -3.89
CA LEU A 859 -29.38 27.36 -3.16
C LEU A 859 -27.99 27.89 -2.80
N VAL A 860 -27.35 27.34 -1.77
CA VAL A 860 -25.95 27.71 -1.38
C VAL A 860 -25.03 26.61 -1.88
N GLY A 861 -23.79 26.98 -2.20
CA GLY A 861 -22.87 25.97 -2.72
C GLY A 861 -21.45 26.45 -2.90
N TYR A 862 -20.56 25.52 -3.15
CA TYR A 862 -19.14 25.86 -3.38
C TYR A 862 -18.87 25.38 -4.78
N ARG A 863 -18.27 26.23 -5.56
CA ARG A 863 -18.01 25.92 -6.95
C ARG A 863 -17.05 24.76 -7.02
N MET A 864 -17.25 23.90 -7.96
CA MET A 864 -16.40 22.71 -8.10
C MET A 864 -15.34 23.06 -9.14
N ARG A 865 -14.10 22.79 -8.85
CA ARG A 865 -13.02 23.13 -9.77
C ARG A 865 -12.62 21.91 -10.54
N GLY A 866 -12.43 22.13 -11.82
CA GLY A 866 -11.92 21.06 -12.65
C GLY A 866 -11.72 21.51 -14.06
N ASN A 867 -11.04 20.70 -14.80
CA ASN A 867 -10.75 21.02 -16.19
C ASN A 867 -11.95 20.60 -17.05
N SER A 868 -11.78 20.84 -18.34
CA SER A 868 -12.84 20.59 -19.34
C SER A 868 -13.15 19.11 -19.33
N ALA A 869 -12.17 18.20 -19.21
CA ALA A 869 -12.53 16.76 -19.22
C ALA A 869 -13.48 16.36 -18.07
N TYR A 870 -13.19 16.81 -16.87
CA TYR A 870 -14.05 16.48 -15.72
C TYR A 870 -15.44 17.13 -15.89
N LYS A 871 -15.45 18.36 -16.38
CA LYS A 871 -16.74 19.03 -16.54
C LYS A 871 -17.56 18.32 -17.63
N THR A 872 -16.88 17.76 -18.63
CA THR A 872 -17.54 16.99 -19.70
C THR A 872 -18.21 15.79 -19.07
N VAL A 873 -17.54 15.14 -18.13
CA VAL A 873 -18.13 13.96 -17.46
C VAL A 873 -19.44 14.34 -16.77
N LEU A 874 -19.45 15.42 -16.04
CA LEU A 874 -20.68 15.86 -15.33
C LEU A 874 -21.77 16.27 -16.33
N ASP A 875 -21.40 16.91 -17.44
CA ASP A 875 -22.36 17.33 -18.48
C ASP A 875 -23.03 16.09 -19.07
N LYS A 876 -22.24 15.04 -19.26
CA LYS A 876 -22.80 13.81 -19.85
C LYS A 876 -23.91 13.27 -18.96
N SER A 877 -23.79 13.44 -17.67
CA SER A 877 -24.82 12.96 -16.73
C SER A 877 -26.17 13.62 -17.04
N LEU A 878 -26.17 14.89 -17.39
CA LEU A 878 -27.44 15.59 -17.75
C LEU A 878 -28.09 14.88 -18.94
N VAL A 879 -27.29 14.56 -19.95
CA VAL A 879 -27.81 13.89 -21.16
C VAL A 879 -28.31 12.49 -20.80
N GLY A 880 -27.56 11.79 -19.94
CA GLY A 880 -27.91 10.41 -19.56
C GLY A 880 -26.77 9.44 -19.85
N ASN A 881 -25.69 9.88 -20.48
CA ASN A 881 -24.51 9.01 -20.73
C ASN A 881 -23.81 8.60 -19.42
N THR A 882 -23.68 9.48 -18.45
CA THR A 882 -22.91 9.18 -17.21
C THR A 882 -23.87 9.06 -16.04
N GLU A 883 -23.57 8.21 -15.08
CA GLU A 883 -24.37 8.15 -13.84
C GLU A 883 -23.44 8.48 -12.67
N LEU A 884 -23.86 9.36 -11.76
CA LEU A 884 -23.04 9.63 -10.57
C LEU A 884 -23.55 8.88 -9.34
N SER A 885 -22.65 8.15 -8.68
CA SER A 885 -22.94 7.43 -7.41
C SER A 885 -22.69 8.32 -6.18
N GLN A 886 -23.02 7.82 -4.99
CA GLN A 886 -22.86 8.56 -3.70
C GLN A 886 -21.53 9.33 -3.63
N CYS A 887 -21.56 10.56 -3.12
CA CYS A 887 -20.37 11.44 -3.06
C CYS A 887 -19.55 11.14 -1.77
N SER A 888 -18.28 11.49 -1.75
CA SER A 888 -17.39 11.37 -0.57
C SER A 888 -16.67 12.69 -0.34
N MET A 889 -16.95 13.37 0.76
CA MET A 889 -16.34 14.69 1.07
C MET A 889 -15.03 14.47 1.83
N ILE A 890 -13.91 14.72 1.20
CA ILE A 890 -12.54 14.65 1.83
C ILE A 890 -12.14 16.03 2.33
N ILE A 891 -12.01 16.23 3.62
CA ILE A 891 -11.38 17.46 4.19
C ILE A 891 -9.93 17.19 4.57
N GLU A 892 -9.00 17.94 4.02
CA GLU A 892 -7.58 17.84 4.43
C GLU A 892 -7.18 19.07 5.22
N ILE A 893 -6.57 18.87 6.37
CA ILE A 893 -5.95 19.99 7.12
C ILE A 893 -4.47 19.88 6.91
N PRO A 894 -3.84 20.85 6.22
CA PRO A 894 -2.39 20.84 6.01
C PRO A 894 -1.61 21.21 7.29
N TYR A 895 -0.46 20.57 7.49
CA TYR A 895 0.40 20.86 8.66
C TYR A 895 1.84 21.07 8.22
N THR A 896 2.53 21.97 8.94
CA THR A 896 3.99 22.19 8.73
C THR A 896 4.75 21.90 10.02
N GLN A 897 5.88 21.22 9.90
CA GLN A 897 6.67 20.85 11.10
C GLN A 897 8.08 21.43 11.00
N THR A 898 8.58 22.01 12.09
CA THR A 898 9.97 22.53 12.15
C THR A 898 10.69 21.92 13.33
N VAL A 899 11.96 21.59 13.17
CA VAL A 899 12.77 20.98 14.26
C VAL A 899 13.91 21.90 14.65
N ASP A 900 14.07 22.14 15.94
CA ASP A 900 15.20 22.96 16.46
C ASP A 900 16.44 22.09 16.65
N ALA A 901 17.53 22.67 17.14
CA ALA A 901 18.81 21.95 17.33
C ALA A 901 18.63 20.80 18.33
N ASP A 902 17.86 21.02 19.39
CA ASP A 902 17.63 19.98 20.42
C ASP A 902 16.70 18.88 19.88
N PHE A 903 16.10 19.08 18.71
CA PHE A 903 15.22 18.12 17.97
C PHE A 903 13.78 18.15 18.49
N ARG A 904 13.38 19.11 19.30
CA ARG A 904 11.95 19.28 19.61
C ARG A 904 11.28 19.74 18.32
N ALA A 905 10.11 19.22 18.01
CA ALA A 905 9.39 19.59 16.77
C ALA A 905 8.19 20.47 17.11
N GLN A 906 7.91 21.44 16.26
CA GLN A 906 6.75 22.33 16.43
C GLN A 906 5.88 22.16 15.17
N VAL A 907 4.59 22.01 15.35
CA VAL A 907 3.68 21.74 14.19
C VAL A 907 2.65 22.89 14.06
N GLN A 908 2.46 23.38 12.84
CA GLN A 908 1.54 24.54 12.60
C GLN A 908 0.43 24.13 11.63
N ALA A 909 -0.83 24.47 11.95
CA ALA A 909 -2.00 24.07 11.16
C ALA A 909 -2.31 25.07 10.03
N GLY A 910 -2.40 24.56 8.78
CA GLY A 910 -2.80 25.33 7.59
C GLY A 910 -4.32 25.46 7.47
N LEU A 911 -4.78 26.32 6.56
CA LEU A 911 -6.23 26.44 6.25
C LEU A 911 -6.77 25.17 5.59
N PRO A 912 -7.98 24.72 6.01
CA PRO A 912 -8.52 23.47 5.53
C PRO A 912 -8.89 23.48 4.04
N LYS A 913 -8.72 22.35 3.37
CA LYS A 913 -9.17 22.19 1.97
C LYS A 913 -10.29 21.14 1.89
N VAL A 914 -11.40 21.49 1.25
CA VAL A 914 -12.54 20.56 1.01
C VAL A 914 -12.59 20.10 -0.45
N SER A 915 -12.78 18.82 -0.67
CA SER A 915 -12.86 18.23 -2.03
C SER A 915 -13.99 17.21 -2.09
N ILE A 916 -14.59 17.03 -3.26
CA ILE A 916 -15.71 16.07 -3.43
C ILE A 916 -15.20 14.98 -4.32
N ASN A 917 -15.32 13.74 -3.85
CA ASN A 917 -14.86 12.58 -4.65
C ASN A 917 -16.09 11.90 -5.21
N LEU A 918 -16.15 11.79 -6.53
CA LEU A 918 -17.38 11.31 -7.20
C LEU A 918 -17.09 10.06 -7.98
N PRO A 919 -17.71 8.93 -7.58
CA PRO A 919 -17.61 7.71 -8.37
C PRO A 919 -18.55 7.83 -9.57
N VAL A 920 -18.04 7.57 -10.75
CA VAL A 920 -18.87 7.81 -11.97
C VAL A 920 -18.91 6.57 -12.85
N LYS A 921 -20.12 6.18 -13.25
CA LYS A 921 -20.27 5.10 -14.23
C LYS A 921 -20.51 5.76 -15.56
N GLU A 922 -19.66 5.53 -16.52
CA GLU A 922 -19.83 6.17 -17.84
C GLU A 922 -20.22 5.11 -18.84
N THR A 923 -21.38 5.27 -19.46
CA THR A 923 -21.81 4.40 -20.57
C THR A 923 -20.82 4.60 -21.71
N ILE A 924 -20.35 3.52 -22.28
CA ILE A 924 -19.39 3.63 -23.39
C ILE A 924 -20.19 3.58 -24.67
N THR A 925 -20.15 4.65 -25.44
CA THR A 925 -20.81 4.68 -26.76
C THR A 925 -20.15 3.64 -27.66
N ALA A 926 -20.97 2.90 -28.40
CA ALA A 926 -20.53 1.90 -29.39
C ALA A 926 -19.56 2.54 -30.41
N MET A 933 -10.23 -5.26 -35.10
CA MET A 933 -9.66 -4.42 -34.01
C MET A 933 -8.71 -5.26 -33.15
N LEU A 934 -9.09 -5.56 -31.90
CA LEU A 934 -8.24 -6.27 -30.94
C LEU A 934 -7.84 -7.61 -31.55
N PHE A 935 -8.81 -8.32 -32.10
CA PHE A 935 -8.60 -9.73 -32.54
C PHE A 935 -7.78 -9.82 -33.83
N ASP A 936 -7.85 -8.85 -34.74
CA ASP A 936 -7.24 -8.99 -36.09
C ASP A 936 -5.70 -9.23 -36.03
N ARG A 937 -4.95 -8.50 -35.22
CA ARG A 937 -3.48 -8.64 -35.21
C ARG A 937 -3.00 -8.84 -33.78
N PHE A 938 -1.72 -9.19 -33.59
CA PHE A 938 -1.15 -9.25 -32.24
C PHE A 938 0.25 -8.64 -32.17
N VAL A 939 0.48 -7.85 -31.13
CA VAL A 939 1.79 -7.17 -30.97
C VAL A 939 2.55 -7.80 -29.79
N ALA A 940 3.76 -8.25 -30.03
CA ALA A 940 4.61 -8.83 -28.98
C ALA A 940 5.38 -7.71 -28.30
N ILE A 941 5.27 -7.61 -26.99
CA ILE A 941 5.93 -6.49 -26.24
C ILE A 941 7.07 -7.05 -25.41
N ASP A 942 8.25 -6.47 -25.55
CA ASP A 942 9.40 -6.85 -24.71
C ASP A 942 9.73 -5.69 -23.79
N LEU A 943 9.86 -5.96 -22.51
CA LEU A 943 10.25 -4.87 -21.57
C LEU A 943 11.76 -4.88 -21.40
N GLY A 944 12.47 -4.01 -22.13
CA GLY A 944 13.93 -3.92 -22.07
C GLY A 944 14.39 -2.88 -21.09
N GLU A 945 15.68 -2.81 -20.78
CA GLU A 945 16.20 -1.92 -19.73
C GLU A 945 15.96 -0.43 -20.05
N ARG A 946 16.15 0.01 -21.28
CA ARG A 946 16.06 1.45 -21.64
C ARG A 946 14.71 1.78 -22.30
N GLY A 947 13.99 0.80 -22.82
CA GLY A 947 12.69 1.08 -23.43
C GLY A 947 11.86 -0.17 -23.66
N LEU A 948 11.09 -0.19 -24.73
CA LEU A 948 10.28 -1.37 -25.07
C LEU A 948 10.49 -1.68 -26.55
N GLY A 949 10.39 -2.95 -26.89
CA GLY A 949 10.51 -3.36 -28.30
C GLY A 949 9.24 -4.04 -28.69
N TYR A 950 8.82 -3.87 -29.93
CA TYR A 950 7.52 -4.45 -30.37
C TYR A 950 7.67 -5.15 -31.70
N ALA A 951 6.95 -6.26 -31.86
CA ALA A 951 6.83 -6.90 -33.18
C ALA A 951 5.37 -7.19 -33.43
N VAL A 952 4.83 -6.79 -34.56
CA VAL A 952 3.37 -6.93 -34.80
C VAL A 952 3.14 -8.01 -35.85
N PHE A 953 2.41 -9.04 -35.47
CA PHE A 953 2.14 -10.18 -36.37
C PHE A 953 0.64 -10.22 -36.65
N ASP A 954 0.28 -10.48 -37.89
CA ASP A 954 -1.14 -10.71 -38.21
C ASP A 954 -1.56 -11.99 -37.51
N ALA A 955 -2.66 -11.97 -36.76
CA ALA A 955 -3.08 -13.15 -35.98
C ALA A 955 -3.46 -14.30 -36.91
N LYS A 956 -4.14 -14.03 -38.01
CA LYS A 956 -4.63 -15.10 -38.92
C LYS A 956 -3.47 -15.85 -39.60
N THR A 957 -2.47 -15.14 -40.12
CA THR A 957 -1.35 -15.82 -40.84
C THR A 957 -0.15 -16.04 -39.91
N LEU A 958 -0.16 -15.45 -38.71
CA LEU A 958 0.98 -15.54 -37.74
C LEU A 958 2.30 -15.13 -38.42
N GLU A 959 2.28 -14.03 -39.17
CA GLU A 959 3.48 -13.57 -39.88
C GLU A 959 3.78 -12.12 -39.49
N LEU A 960 5.06 -11.80 -39.35
CA LEU A 960 5.49 -10.45 -38.91
C LEU A 960 5.08 -9.42 -39.96
N GLN A 961 4.46 -8.33 -39.51
CA GLN A 961 4.12 -7.21 -40.40
C GLN A 961 5.19 -6.13 -40.26
N GLU A 962 5.63 -5.87 -39.04
CA GLU A 962 6.58 -4.77 -38.77
C GLU A 962 7.17 -4.92 -37.37
N SER A 963 8.43 -4.54 -37.21
CA SER A 963 9.13 -4.63 -35.91
C SER A 963 9.75 -3.28 -35.57
N GLY A 964 9.76 -2.92 -34.28
CA GLY A 964 10.27 -1.61 -33.88
C GLY A 964 10.65 -1.48 -32.41
N HIS A 965 11.28 -0.37 -32.06
CA HIS A 965 11.67 -0.08 -30.67
C HIS A 965 11.11 1.27 -30.22
N ARG A 966 10.54 1.33 -29.03
CA ARG A 966 10.06 2.59 -28.44
C ARG A 966 10.81 2.87 -27.16
N PRO A 967 11.52 4.00 -27.01
CA PRO A 967 12.22 4.24 -25.76
C PRO A 967 11.43 5.02 -24.73
N ILE A 968 11.62 4.67 -23.45
CA ILE A 968 10.89 5.29 -22.31
C ILE A 968 11.78 6.15 -21.40
N LYS A 969 11.69 7.44 -21.70
CA LYS A 969 12.33 8.49 -20.91
C LYS A 969 11.89 8.29 -19.48
N ALA A 970 10.62 8.00 -19.23
CA ALA A 970 10.13 7.96 -17.84
C ALA A 970 10.83 6.88 -17.05
N ILE A 971 11.02 5.68 -17.59
CA ILE A 971 11.78 4.61 -16.88
C ILE A 971 13.19 5.13 -16.60
N THR A 972 13.86 5.63 -17.62
CA THR A 972 15.27 5.98 -17.40
C THR A 972 15.30 7.05 -16.29
N ASN A 973 14.36 7.97 -16.37
CA ASN A 973 14.30 9.13 -15.46
C ASN A 973 14.11 8.62 -14.04
N LEU A 974 13.20 7.69 -13.85
CA LEU A 974 12.91 7.13 -12.51
C LEU A 974 14.22 6.57 -11.98
N LEU A 975 14.86 5.72 -12.79
CA LEU A 975 16.04 5.00 -12.29
C LEU A 975 17.03 6.06 -11.82
N ASN A 976 17.12 7.15 -12.56
CA ASN A 976 18.06 8.24 -12.17
C ASN A 976 17.64 9.14 -10.98
N ARG A 977 16.43 9.70 -10.93
CA ARG A 977 16.12 10.77 -9.93
C ARG A 977 15.58 10.19 -8.62
N THR A 978 16.10 9.05 -8.17
CA THR A 978 15.62 8.38 -6.95
C THR A 978 15.72 9.34 -5.75
N HIS A 979 16.81 10.09 -5.66
CA HIS A 979 17.06 10.97 -4.49
C HIS A 979 16.02 12.10 -4.41
N HIS A 980 15.69 12.72 -5.54
CA HIS A 980 14.73 13.84 -5.55
C HIS A 980 13.40 13.33 -5.00
N TYR A 981 12.99 12.17 -5.48
CA TYR A 981 11.70 11.59 -5.06
C TYR A 981 11.71 11.40 -3.55
N GLU A 982 12.73 10.74 -3.03
CA GLU A 982 12.80 10.48 -1.57
C GLU A 982 12.65 11.83 -0.86
N GLN A 983 13.41 12.84 -1.26
CA GLN A 983 13.44 14.13 -0.54
C GLN A 983 12.15 14.93 -0.68
N ARG A 984 11.44 14.82 -1.81
CA ARG A 984 10.22 15.61 -2.08
C ARG A 984 9.29 15.67 -0.88
N PRO A 985 8.99 16.86 -0.33
CA PRO A 985 7.96 16.93 0.70
C PRO A 985 6.59 16.71 0.08
N ASN A 986 5.77 15.88 0.71
CA ASN A 986 4.38 15.72 0.27
C ASN A 986 3.49 16.30 1.35
N GLN A 987 2.80 17.38 1.06
CA GLN A 987 1.82 17.95 2.00
C GLN A 987 0.71 16.93 2.14
N ARG A 988 0.34 16.27 1.05
CA ARG A 988 -0.78 15.31 1.06
C ARG A 988 -0.47 14.09 1.93
N GLN A 989 0.79 13.66 2.04
CA GLN A 989 1.12 12.40 2.76
C GLN A 989 0.60 12.48 4.19
N LYS A 990 -0.04 11.42 4.66
CA LYS A 990 -0.68 11.47 6.00
C LYS A 990 0.37 11.35 7.11
N PHE A 991 0.08 11.96 8.24
CA PHE A 991 0.97 11.89 9.42
C PHE A 991 1.08 10.47 9.93
N GLN A 992 0.01 9.69 9.79
CA GLN A 992 -0.01 8.30 10.31
C GLN A 992 1.09 7.50 9.62
N ALA A 993 1.30 7.71 8.33
CA ALA A 993 2.32 6.97 7.54
C ALA A 993 3.64 6.93 8.31
N LYS A 994 4.20 5.74 8.47
CA LYS A 994 5.48 5.58 9.21
C LYS A 994 6.67 5.52 8.26
N PHE A 995 6.46 5.55 6.95
CA PHE A 995 7.60 5.47 6.00
C PHE A 995 7.37 6.35 4.77
N ASN A 996 8.47 6.68 4.09
CA ASN A 996 8.41 7.47 2.84
C ASN A 996 7.88 6.60 1.70
N VAL A 997 6.91 7.10 0.94
CA VAL A 997 6.27 6.36 -0.20
C VAL A 997 6.27 7.19 -1.48
N ASN A 998 7.09 8.23 -1.53
CA ASN A 998 7.22 9.07 -2.74
C ASN A 998 7.74 8.18 -3.86
N LEU A 999 8.69 7.31 -3.54
CA LEU A 999 9.22 6.38 -4.56
C LEU A 999 8.10 5.51 -5.10
N SER A 1000 7.21 5.01 -4.26
CA SER A 1000 6.05 4.19 -4.69
C SER A 1000 5.12 5.02 -5.60
N GLU A 1001 4.85 6.28 -5.26
CA GLU A 1001 4.00 7.12 -6.15
C GLU A 1001 4.69 7.31 -7.52
N LEU A 1002 6.00 7.48 -7.51
CA LEU A 1002 6.73 7.65 -8.77
C LEU A 1002 6.65 6.33 -9.57
N ARG A 1003 6.72 5.21 -8.87
CA ARG A 1003 6.61 3.88 -9.51
C ARG A 1003 5.25 3.80 -10.18
N GLU A 1004 4.21 4.28 -9.49
CA GLU A 1004 2.85 4.30 -10.08
C GLU A 1004 2.85 5.10 -11.38
N ASN A 1005 3.42 6.30 -11.36
CA ASN A 1005 3.51 7.12 -12.60
C ASN A 1005 4.28 6.38 -13.71
N THR A 1006 5.38 5.73 -13.37
CA THR A 1006 6.20 4.99 -14.38
C THR A 1006 5.37 3.86 -14.99
N VAL A 1007 4.65 3.14 -14.15
CA VAL A 1007 3.85 2.00 -14.65
C VAL A 1007 2.85 2.61 -15.61
N GLY A 1008 2.20 3.70 -15.18
CA GLY A 1008 1.23 4.42 -16.04
C GLY A 1008 1.83 4.69 -17.42
N ASP A 1009 2.99 5.29 -17.45
CA ASP A 1009 3.66 5.66 -18.72
C ASP A 1009 4.01 4.47 -19.61
N VAL A 1010 4.51 3.38 -19.03
CA VAL A 1010 4.84 2.18 -19.86
C VAL A 1010 3.55 1.58 -20.42
N CYS A 1011 2.52 1.56 -19.59
CA CYS A 1011 1.23 1.01 -20.05
C CYS A 1011 0.72 1.88 -21.21
N HIS A 1012 0.88 3.20 -21.08
CA HIS A 1012 0.46 4.13 -22.13
C HIS A 1012 1.16 3.81 -23.42
N GLN A 1013 2.45 3.62 -23.36
CA GLN A 1013 3.19 3.24 -24.61
C GLN A 1013 2.67 1.93 -25.21
N ILE A 1014 2.44 0.93 -24.38
CA ILE A 1014 1.94 -0.36 -24.92
C ILE A 1014 0.57 -0.15 -25.57
N ASN A 1015 -0.35 0.54 -24.89
CA ASN A 1015 -1.70 0.79 -25.45
C ASN A 1015 -1.58 1.56 -26.78
N ARG A 1016 -0.68 2.53 -26.85
CA ARG A 1016 -0.53 3.36 -28.05
C ARG A 1016 -0.14 2.44 -29.17
N ILE A 1017 0.84 1.57 -28.92
CA ILE A 1017 1.30 0.65 -30.00
C ILE A 1017 0.12 -0.21 -30.45
N CYS A 1018 -0.60 -0.73 -29.47
CA CYS A 1018 -1.78 -1.59 -29.78
C CYS A 1018 -2.78 -0.81 -30.67
N ALA A 1019 -3.13 0.42 -30.32
CA ALA A 1019 -4.14 1.20 -31.05
C ALA A 1019 -3.60 1.46 -32.46
N TYR A 1020 -2.34 1.76 -32.57
CA TYR A 1020 -1.77 2.09 -33.88
C TYR A 1020 -1.89 0.89 -34.80
N TYR A 1021 -1.63 -0.31 -34.29
CA TYR A 1021 -1.65 -1.48 -35.20
C TYR A 1021 -2.97 -2.23 -35.13
N ASN A 1022 -3.88 -1.84 -34.23
CA ASN A 1022 -5.13 -2.58 -33.98
C ASN A 1022 -4.73 -4.02 -33.65
N ALA A 1023 -4.07 -4.20 -32.52
CA ALA A 1023 -3.43 -5.49 -32.19
C ALA A 1023 -3.59 -5.81 -30.72
N PHE A 1024 -3.46 -7.07 -30.33
CA PHE A 1024 -3.58 -7.42 -28.89
C PHE A 1024 -2.21 -7.70 -28.28
N PRO A 1025 -1.99 -7.18 -27.06
CA PRO A 1025 -0.68 -7.29 -26.41
C PRO A 1025 -0.27 -8.72 -26.07
N VAL A 1026 0.97 -9.08 -26.31
CA VAL A 1026 1.55 -10.36 -25.84
C VAL A 1026 2.73 -9.99 -24.97
N LEU A 1027 2.72 -10.39 -23.73
CA LEU A 1027 3.79 -10.01 -22.79
C LEU A 1027 4.55 -11.29 -22.41
N GLU A 1028 5.84 -11.15 -22.10
CA GLU A 1028 6.60 -12.27 -21.52
C GLU A 1028 5.94 -12.61 -20.20
N TYR A 1029 5.66 -13.89 -19.95
CA TYR A 1029 4.93 -14.30 -18.72
C TYR A 1029 5.71 -13.90 -17.48
N MET A 1030 7.02 -14.08 -17.49
CA MET A 1030 7.84 -13.82 -16.28
C MET A 1030 8.79 -12.66 -16.52
N VAL A 1031 8.75 -11.67 -15.64
CA VAL A 1031 9.69 -10.53 -15.69
C VAL A 1031 11.09 -11.06 -15.39
N PRO A 1032 12.10 -10.75 -16.21
CA PRO A 1032 13.45 -11.24 -15.97
C PRO A 1032 14.03 -10.84 -14.61
N ASP A 1033 14.65 -11.80 -13.93
CA ASP A 1033 15.24 -11.60 -12.58
C ASP A 1033 16.43 -10.64 -12.64
N ARG A 1034 17.15 -10.63 -13.75
CA ARG A 1034 18.38 -9.80 -13.92
C ARG A 1034 18.09 -8.31 -13.70
N LEU A 1035 16.89 -7.83 -14.05
CA LEU A 1035 16.59 -6.38 -14.00
C LEU A 1035 16.64 -5.86 -12.54
N ASP A 1036 16.98 -4.59 -12.39
CA ASP A 1036 17.11 -3.91 -11.07
C ASP A 1036 15.79 -4.04 -10.29
N LYS A 1037 15.82 -4.01 -8.96
CA LYS A 1037 14.62 -4.09 -8.09
C LYS A 1037 13.45 -3.23 -8.60
N GLN A 1038 13.61 -1.92 -8.66
CA GLN A 1038 12.50 -1.00 -9.02
C GLN A 1038 12.02 -1.30 -10.44
N LEU A 1039 12.95 -1.50 -11.37
CA LEU A 1039 12.58 -1.77 -12.77
C LEU A 1039 11.76 -3.06 -12.79
N LYS A 1040 12.23 -4.06 -12.06
CA LYS A 1040 11.52 -5.37 -12.03
C LYS A 1040 10.11 -5.17 -11.51
N SER A 1041 9.94 -4.41 -10.42
CA SER A 1041 8.60 -4.19 -9.82
C SER A 1041 7.70 -3.49 -10.84
N VAL A 1042 8.24 -2.49 -11.54
CA VAL A 1042 7.44 -1.74 -12.54
C VAL A 1042 6.98 -2.72 -13.62
N TYR A 1043 7.89 -3.56 -14.08
CA TYR A 1043 7.55 -4.50 -15.16
C TYR A 1043 6.52 -5.50 -14.67
N GLU A 1044 6.61 -5.93 -13.43
CA GLU A 1044 5.63 -6.89 -12.87
C GLU A 1044 4.25 -6.22 -12.88
N SER A 1045 4.19 -4.97 -12.45
CA SER A 1045 2.90 -4.24 -12.45
C SER A 1045 2.36 -4.13 -13.88
N VAL A 1046 3.23 -3.77 -14.84
CA VAL A 1046 2.82 -3.64 -16.25
C VAL A 1046 2.30 -4.97 -16.72
N THR A 1047 3.01 -6.04 -16.39
CA THR A 1047 2.62 -7.39 -16.80
C THR A 1047 1.23 -7.70 -16.24
N ASN A 1048 1.02 -7.43 -14.96
CA ASN A 1048 -0.30 -7.69 -14.32
C ASN A 1048 -1.39 -6.93 -15.07
N ARG A 1049 -1.17 -5.65 -15.33
CA ARG A 1049 -2.16 -4.80 -16.04
C ARG A 1049 -2.57 -5.45 -17.36
N TYR A 1050 -1.74 -6.21 -18.04
CA TYR A 1050 -2.16 -6.85 -19.33
C TYR A 1050 -2.35 -8.35 -19.23
N ILE A 1051 -1.32 -9.09 -18.81
CA ILE A 1051 -1.33 -10.58 -18.74
C ILE A 1051 -2.32 -11.09 -17.68
N TRP A 1052 -2.85 -12.29 -17.91
CA TRP A 1052 -3.74 -12.93 -16.91
C TRP A 1052 -2.90 -13.57 -15.80
N SER A 1053 -3.23 -13.28 -14.55
CA SER A 1053 -2.53 -13.88 -13.38
C SER A 1053 -3.55 -14.36 -12.35
N SER A 1054 -3.21 -15.42 -11.64
CA SER A 1054 -4.08 -16.08 -10.63
C SER A 1054 -4.37 -15.15 -9.46
N THR A 1055 -3.36 -14.40 -9.00
CA THR A 1055 -3.47 -13.59 -7.78
C THR A 1055 -4.64 -12.60 -7.93
N ASP A 1056 -5.46 -12.49 -6.90
CA ASP A 1056 -6.67 -11.64 -6.94
C ASP A 1056 -6.30 -10.18 -7.14
N ALA A 1057 -5.26 -9.67 -6.48
CA ALA A 1057 -4.89 -8.25 -6.58
C ALA A 1057 -4.58 -7.95 -8.04
N HIS A 1058 -3.77 -8.81 -8.64
CA HIS A 1058 -3.34 -8.62 -10.04
C HIS A 1058 -4.58 -8.58 -10.91
N LYS A 1059 -5.45 -9.54 -10.69
CA LYS A 1059 -6.63 -9.68 -11.55
C LYS A 1059 -7.47 -8.41 -11.44
N SER A 1060 -7.69 -7.93 -10.22
CA SER A 1060 -8.55 -6.73 -9.97
C SER A 1060 -7.91 -5.52 -10.65
N ALA A 1061 -6.59 -5.35 -10.53
CA ALA A 1061 -5.88 -4.23 -11.16
C ALA A 1061 -6.13 -4.29 -12.67
N ARG A 1062 -5.97 -5.47 -13.25
CA ARG A 1062 -6.10 -5.65 -14.71
C ARG A 1062 -7.52 -5.26 -15.13
N VAL A 1063 -8.51 -5.74 -14.40
CA VAL A 1063 -9.93 -5.46 -14.73
C VAL A 1063 -10.17 -3.95 -14.70
N GLN A 1064 -9.68 -3.29 -13.64
CA GLN A 1064 -9.89 -1.82 -13.46
C GLN A 1064 -9.24 -1.07 -14.64
N PHE A 1065 -8.05 -1.47 -15.02
CA PHE A 1065 -7.33 -0.83 -16.13
C PHE A 1065 -8.13 -0.99 -17.42
N TRP A 1066 -8.75 -2.15 -17.62
CA TRP A 1066 -9.41 -2.45 -18.90
C TRP A 1066 -10.89 -2.14 -18.82
N LEU A 1067 -11.30 -1.32 -17.85
CA LEU A 1067 -12.67 -0.77 -17.75
C LEU A 1067 -13.67 -1.93 -17.66
N GLY A 1068 -13.39 -2.89 -16.77
CA GLY A 1068 -14.35 -3.95 -16.42
C GLY A 1068 -14.17 -5.20 -17.26
N GLY A 1069 -13.38 -5.13 -18.32
CA GLY A 1069 -13.07 -6.31 -19.14
C GLY A 1069 -12.25 -7.33 -18.37
N GLU A 1070 -12.83 -8.48 -18.05
CA GLU A 1070 -12.10 -9.55 -17.34
C GLU A 1070 -11.64 -10.60 -18.34
N THR A 1071 -12.48 -10.97 -19.31
CA THR A 1071 -12.13 -12.07 -20.24
C THR A 1071 -12.52 -11.74 -21.68
N TRP A 1072 -11.69 -12.17 -22.61
CA TRP A 1072 -11.96 -11.99 -24.05
C TRP A 1072 -11.86 -13.35 -24.65
N GLU A 1073 -12.53 -13.58 -25.76
CA GLU A 1073 -12.34 -14.85 -26.50
C GLU A 1073 -11.98 -14.52 -27.94
N HIS A 1074 -10.92 -15.13 -28.44
CA HIS A 1074 -10.50 -14.91 -29.83
C HIS A 1074 -11.40 -15.71 -30.76
N PRO A 1075 -11.94 -15.08 -31.83
CA PRO A 1075 -12.77 -15.79 -32.78
C PRO A 1075 -12.11 -16.94 -33.53
N TYR A 1076 -10.88 -16.78 -34.03
CA TYR A 1076 -10.27 -17.84 -34.89
C TYR A 1076 -9.00 -18.48 -34.29
N LEU A 1077 -8.62 -18.17 -33.06
CA LEU A 1077 -7.36 -18.73 -32.52
C LEU A 1077 -7.65 -19.76 -31.43
N LYS A 1078 -7.07 -20.93 -31.59
CA LYS A 1078 -7.24 -22.03 -30.61
C LYS A 1078 -5.89 -22.37 -30.03
N SER A 1079 -5.78 -22.40 -28.71
CA SER A 1079 -4.55 -22.87 -28.06
C SER A 1079 -4.33 -24.32 -28.49
N ALA A 1080 -3.12 -24.66 -28.92
CA ALA A 1080 -2.80 -26.03 -29.36
C ALA A 1080 -2.93 -27.02 -28.20
N LYS A 1081 -2.52 -26.62 -27.00
CA LYS A 1081 -2.42 -27.55 -25.84
C LYS A 1081 -3.80 -28.08 -25.44
N ASP A 1082 -4.82 -27.24 -25.31
CA ASP A 1082 -6.16 -27.73 -24.88
C ASP A 1082 -7.19 -27.68 -26.01
N LYS A 1083 -6.81 -27.24 -27.21
CA LYS A 1083 -7.76 -27.09 -28.35
C LYS A 1083 -8.97 -26.28 -27.91
N LYS A 1084 -8.74 -25.20 -27.20
CA LYS A 1084 -9.84 -24.31 -26.74
C LYS A 1084 -9.60 -22.92 -27.28
N PRO A 1085 -10.69 -22.17 -27.59
CA PRO A 1085 -10.54 -20.82 -28.11
C PRO A 1085 -9.72 -19.96 -27.15
N LEU A 1086 -8.80 -19.17 -27.69
CA LEU A 1086 -7.88 -18.37 -26.86
C LEU A 1086 -8.63 -17.50 -25.87
N VAL A 1087 -8.20 -17.53 -24.62
CA VAL A 1087 -8.71 -16.55 -23.65
C VAL A 1087 -7.69 -15.45 -23.60
N LEU A 1088 -8.10 -14.23 -23.93
CA LEU A 1088 -7.18 -13.09 -23.88
C LEU A 1088 -7.67 -12.24 -22.72
N SER A 1089 -6.79 -11.55 -22.02
CA SER A 1089 -7.27 -10.63 -20.96
C SER A 1089 -6.70 -9.24 -21.06
N PRO A 1090 -6.76 -8.49 -22.18
CA PRO A 1090 -6.74 -8.93 -23.57
C PRO A 1090 -5.32 -9.34 -23.95
N GLY A 1091 -4.40 -9.08 -23.04
CA GLY A 1091 -3.01 -9.48 -23.22
C GLY A 1091 -2.80 -10.96 -22.99
N ARG A 1092 -2.32 -11.67 -23.98
CA ARG A 1092 -1.93 -13.08 -23.81
C ARG A 1092 -0.56 -13.16 -23.14
N GLY A 1093 -0.20 -14.34 -22.68
CA GLY A 1093 1.09 -14.55 -21.96
C GLY A 1093 2.02 -15.52 -22.67
N ALA A 1094 3.30 -15.16 -22.81
CA ALA A 1094 4.30 -16.07 -23.40
C ALA A 1094 5.64 -15.84 -22.71
N HIS A 1213 17.75 -3.97 -33.02
CA HIS A 1213 17.81 -3.59 -31.59
C HIS A 1213 17.48 -4.81 -30.72
N ALA A 1214 18.11 -4.90 -29.56
CA ALA A 1214 17.93 -6.05 -28.64
C ALA A 1214 16.45 -6.16 -28.26
N ASP A 1215 15.85 -5.04 -27.90
CA ASP A 1215 14.43 -5.01 -27.45
C ASP A 1215 13.57 -5.60 -28.56
N GLU A 1216 13.78 -5.11 -29.78
CA GLU A 1216 12.98 -5.51 -30.95
C GLU A 1216 13.13 -7.02 -31.14
N ASN A 1217 14.37 -7.50 -31.08
CA ASN A 1217 14.64 -8.94 -31.34
C ASN A 1217 13.91 -9.77 -30.29
N ALA A 1218 13.98 -9.34 -29.03
CA ALA A 1218 13.37 -10.10 -27.91
C ALA A 1218 11.86 -10.12 -28.10
N ALA A 1219 11.27 -9.01 -28.54
CA ALA A 1219 9.83 -8.96 -28.78
C ALA A 1219 9.46 -9.93 -29.91
N VAL A 1220 10.25 -9.96 -30.99
CA VAL A 1220 9.96 -10.89 -32.11
C VAL A 1220 10.03 -12.31 -31.54
N ASN A 1221 11.00 -12.59 -30.67
CA ASN A 1221 11.13 -13.95 -30.05
C ASN A 1221 9.90 -14.30 -29.21
N ILE A 1222 9.39 -13.36 -28.41
CA ILE A 1222 8.19 -13.62 -27.57
C ILE A 1222 7.03 -13.92 -28.52
N GLY A 1223 6.93 -13.15 -29.59
CA GLY A 1223 5.83 -13.35 -30.53
C GLY A 1223 5.91 -14.74 -31.09
N GLY A 1224 7.12 -15.15 -31.44
CA GLY A 1224 7.37 -16.51 -31.99
C GLY A 1224 6.94 -17.58 -31.02
N LYS A 1225 7.30 -17.41 -29.74
CA LYS A 1225 6.91 -18.40 -28.70
C LYS A 1225 5.38 -18.47 -28.60
N PHE A 1226 4.68 -17.34 -28.61
CA PHE A 1226 3.19 -17.35 -28.56
C PHE A 1226 2.61 -18.06 -29.79
N ILE A 1227 3.25 -17.82 -30.95
CA ILE A 1227 2.81 -18.44 -32.22
C ILE A 1227 2.93 -19.94 -32.04
N ALA A 1228 4.06 -20.40 -31.50
CA ALA A 1228 4.32 -21.84 -31.32
C ALA A 1228 3.28 -22.41 -30.37
N ASP A 1229 2.93 -21.64 -29.34
CA ASP A 1229 1.92 -22.09 -28.34
C ASP A 1229 0.59 -22.40 -29.04
N ILE A 1230 0.00 -21.41 -29.69
CA ILE A 1230 -1.34 -21.57 -30.32
C ILE A 1230 -1.29 -22.52 -31.51
N GLU A 1231 -0.25 -22.46 -32.34
CA GLU A 1231 -0.15 -23.27 -33.58
C GLU A 1231 -1.46 -23.19 -34.38
#